data_9GSW
#
_entry.id   9GSW
#
_cell.length_a   97.032
_cell.length_b   102.723
_cell.length_c   129.317
_cell.angle_alpha   90.00
_cell.angle_beta   90.00
_cell.angle_gamma   90.00
#
_symmetry.space_group_name_H-M   'P 21 21 21'
#
loop_
_entity.id
_entity.type
_entity.pdbx_description
1 polymer 'Lysosomal alpha-glucosidase'
2 branched 2-acetamido-2-deoxy-beta-D-glucopyranose-(1-4)-[alpha-L-fucopyranose-(1-6)]2-acetamido-2-deoxy-beta-D-glucopyranose
3 branched beta-D-mannopyranose-(1-4)-2-acetamido-2-deoxy-beta-D-glucopyranose-(1-4)-2-acetamido-2-deoxy-beta-D-glucopyranose
4 branched 2-acetamido-2-deoxy-beta-D-glucopyranose-(1-4)-2-acetamido-2-deoxy-beta-D-glucopyranose
5 branched alpha-D-mannopyranose-(1-3)-beta-D-mannopyranose-(1-4)-2-acetamido-2-deoxy-beta-D-glucopyranose-(1-4)-2-acetamido-2-deoxy-beta-D-glucopyranose
6 non-polymer (2~{R},3~{R},4~{R},5~{S})-2-(hydroxymethyl)-2-(2-trimethylsilylethyl)piperidine-3,4,5-triol
7 non-polymer 'SULFATE ION'
8 non-polymer 'CHLORIDE ION'
9 non-polymer DI(HYDROXYETHYL)ETHER
10 non-polymer GLYCEROL
11 non-polymer 'TRIETHYLENE GLYCOL'
12 non-polymer 1,2-ETHANEDIOL
13 water water
#
_entity_poly.entity_id   1
_entity_poly.type   'polypeptide(L)'
_entity_poly.pdbx_seq_one_letter_code
;MGVRHPPCSHRLLAVCALVSLATAALLGHILLHDFLLVPRELSGSSPVLEETHPAHQQGASRPGPRDAQAHPGRPRAVPT
QCDVPPNSRFDCAPDKAITQEQCEARGCCYIPAKQGLQGAQMGQPWCFFPPSYPSYKLENLSSSEMGYTATLTRTTPTFF
PKDILTLRLDVMMETENRLHFTIKDPANRRYEVPLETPRVHSRAPSPLYSVEFSEEPFGVIVHRQLDGRVLLNTTVAPLF
FADQFLQLSTSLPSQYITGLAEHLSPLMLSTSWTRITLWNRDLAPTPGANLYGSHPFYLALEDGGSAHGVFLLNSNAMDV
VLQPSPALSWRSTGGILDVYIFLGPEPKSVVQQYLDVVGYPFMPPYWGLGFHLCRWGYSSTAITRQVVENMTRAHFPLDV
QWNDLDYMDSRRDFTFNKDGFRDFPAMVQELHQGGRRYMMIVDPAISSSGPAGSYRPYDEGLRRGVFITNETGQPLIGKV
WPGSTAFPDFTNPTALAWWEDMVAEFHDQVPFDGMWIDMNEPSNFIRGSEDGCPNNELENPPYVPGVVGGTLQAATICAS
SHQFLSTHYNLHNLYGLTEAIASHRALVKARGTRPFVISRSTFAGHGRYAGHWTGDVWSSWEQLASSVPEILQFNLLGVP
LVGADVCGFLGNTSEELCVRWTQLGAFYPFMRNHNSLLSLPQEPYSFSEPAQQAMRKALTLRYALLPHLYTLFHQAHVAG
ETVARPLFLEFPKDSSTWTVDHQLLWGEALLITPVLQAGKAEVTGYFPLGTWYDLQTVPIEALGSLPPPPAAPREPAIHS
EGQWVTLPAPLDTINVHLRAGYIIPLQGPGLTTTESRQQPMALAVALTKGGEARGELFWDDGESLEVLERGAYTQVIFLA
RNNTIVNELVRVTSEGAGLQLQKVTVLGVATAPQQVLSNGVPVSNFTYSPDTKVLDI(CSO)VSLLMGEQFLVSWC
;
_entity_poly.pdbx_strand_id   A
#
loop_
_chem_comp.id
_chem_comp.type
_chem_comp.name
_chem_comp.formula
A1IO5 non-polymer (2~{R},3~{R},4~{R},5~{S})-2-(hydroxymethyl)-2-(2-trimethylsilylethyl)piperidine-3,4,5-triol 'C11 H25 N O4 Si'
BMA D-saccharide, beta linking beta-D-mannopyranose 'C6 H12 O6'
CL non-polymer 'CHLORIDE ION' 'Cl -1'
EDO non-polymer 1,2-ETHANEDIOL 'C2 H6 O2'
FUC L-saccharide, alpha linking alpha-L-fucopyranose 'C6 H12 O5'
GOL non-polymer GLYCEROL 'C3 H8 O3'
MAN D-saccharide, alpha linking alpha-D-mannopyranose 'C6 H12 O6'
NAG D-saccharide, beta linking 2-acetamido-2-deoxy-beta-D-glucopyranose 'C8 H15 N O6'
PEG non-polymer DI(HYDROXYETHYL)ETHER 'C4 H10 O3'
PGE non-polymer 'TRIETHYLENE GLYCOL' 'C6 H14 O4'
SO4 non-polymer 'SULFATE ION' 'O4 S -2'
#
# COMPACT_ATOMS: atom_id res chain seq x y z
N GLN A 81 21.49 -15.00 36.97
CA GLN A 81 20.45 -13.93 36.84
C GLN A 81 20.79 -13.04 35.64
N CYS A 82 22.07 -12.74 35.41
CA CYS A 82 22.51 -11.80 34.33
C CYS A 82 23.18 -12.55 33.19
N ASP A 83 23.11 -13.88 33.22
CA ASP A 83 23.72 -14.77 32.21
C ASP A 83 22.74 -14.92 31.05
N VAL A 84 22.56 -13.85 30.28
CA VAL A 84 21.62 -13.84 29.12
C VAL A 84 22.46 -13.67 27.86
N PRO A 85 22.26 -14.54 26.84
CA PRO A 85 22.95 -14.42 25.57
C PRO A 85 22.77 -13.02 24.96
N PRO A 86 23.83 -12.45 24.36
CA PRO A 86 23.77 -11.09 23.82
C PRO A 86 22.50 -10.80 23.03
N ASN A 87 22.11 -11.69 22.12
CA ASN A 87 21.05 -11.44 21.11
C ASN A 87 19.66 -11.43 21.78
N SER A 88 19.58 -11.91 23.03
CA SER A 88 18.33 -12.14 23.80
C SER A 88 18.20 -11.12 24.92
N ARG A 89 19.08 -10.12 24.97
CA ARG A 89 19.01 -9.05 25.99
C ARG A 89 18.00 -8.01 25.52
N PHE A 90 16.98 -7.75 26.34
CA PHE A 90 15.99 -6.67 26.09
C PHE A 90 16.39 -5.44 26.91
N ASP A 91 16.37 -4.28 26.25
CA ASP A 91 16.86 -2.97 26.76
C ASP A 91 16.06 -2.53 28.00
N CYS A 92 16.74 -2.40 29.13
CA CYS A 92 16.18 -1.90 30.40
C CYS A 92 16.37 -0.39 30.49
N ALA A 93 17.05 0.24 29.51
CA ALA A 93 17.21 1.70 29.45
C ALA A 93 16.87 2.25 28.07
N PRO A 94 15.63 2.06 27.57
CA PRO A 94 15.25 2.56 26.24
C PRO A 94 14.98 4.07 26.28
N ASP A 95 14.82 4.61 27.50
CA ASP A 95 14.37 6.00 27.78
C ASP A 95 15.54 6.99 27.81
N LYS A 96 16.74 6.57 28.24
CA LYS A 96 17.88 7.50 28.45
C LYS A 96 19.21 6.73 28.44
N ALA A 97 20.30 7.48 28.27
CA ALA A 97 21.69 7.05 28.55
C ALA A 97 21.80 6.81 30.05
N ILE A 98 22.32 5.64 30.43
CA ILE A 98 22.31 5.14 31.82
C ILE A 98 23.74 4.71 32.19
N THR A 99 24.10 4.85 33.46
CA THR A 99 25.37 4.35 34.04
C THR A 99 25.14 2.95 34.61
N GLN A 100 26.23 2.21 34.87
CA GLN A 100 26.11 0.88 35.49
C GLN A 100 25.32 1.00 36.80
N GLU A 101 25.61 2.01 37.63
CA GLU A 101 25.00 2.11 38.98
C GLU A 101 23.48 2.30 38.85
N GLN A 102 23.05 3.22 37.97
CA GLN A 102 21.62 3.51 37.69
C GLN A 102 20.92 2.26 37.14
N CYS A 103 21.58 1.56 36.21
CA CYS A 103 21.09 0.29 35.62
C CYS A 103 20.84 -0.73 36.73
N GLU A 104 21.83 -0.92 37.60
CA GLU A 104 21.73 -1.94 38.68
C GLU A 104 20.67 -1.50 39.70
N ALA A 105 20.46 -0.20 39.89
CA ALA A 105 19.46 0.36 40.83
C ALA A 105 18.05 0.14 40.28
N ARG A 106 17.87 0.10 38.95
CA ARG A 106 16.57 -0.25 38.32
C ARG A 106 16.25 -1.72 38.50
N GLY A 107 17.16 -2.53 39.05
CA GLY A 107 17.04 -4.00 39.10
C GLY A 107 17.41 -4.64 37.77
N CYS A 108 18.33 -4.04 37.02
CA CYS A 108 18.75 -4.54 35.68
C CYS A 108 20.23 -4.94 35.61
N CYS A 109 20.60 -5.69 34.57
CA CYS A 109 21.96 -6.25 34.32
C CYS A 109 22.74 -5.26 33.45
N TYR A 110 23.97 -4.94 33.85
CA TYR A 110 24.91 -4.07 33.08
C TYR A 110 26.10 -4.91 32.58
N ILE A 111 26.10 -5.20 31.28
CA ILE A 111 27.21 -5.91 30.58
C ILE A 111 27.45 -5.17 29.27
N PRO A 112 28.57 -4.42 29.16
CA PRO A 112 28.87 -3.71 27.92
C PRO A 112 28.97 -4.70 26.75
N ALA A 113 28.47 -4.30 25.57
CA ALA A 113 28.73 -4.99 24.29
C ALA A 113 30.25 -5.00 24.05
N LYS A 114 30.78 -5.98 23.32
CA LYS A 114 32.24 -6.11 23.09
C LYS A 114 32.69 -5.26 21.90
N GLN A 115 31.76 -4.59 21.23
CA GLN A 115 32.07 -3.62 20.15
C GLN A 115 30.85 -2.75 19.94
N GLY A 123 22.19 -0.58 18.87
CA GLY A 123 22.90 -1.88 18.99
C GLY A 123 22.40 -2.66 20.20
N GLN A 124 23.12 -3.72 20.57
CA GLN A 124 22.82 -4.55 21.76
C GLN A 124 22.79 -3.66 23.00
N PRO A 125 21.74 -3.74 23.85
CA PRO A 125 21.66 -2.90 25.03
C PRO A 125 22.70 -3.35 26.07
N TRP A 126 23.40 -2.38 26.67
CA TRP A 126 24.36 -2.62 27.77
C TRP A 126 23.61 -2.90 29.07
N CYS A 127 22.46 -2.26 29.23
CA CYS A 127 21.57 -2.40 30.42
C CYS A 127 20.33 -3.21 30.02
N PHE A 128 20.16 -4.43 30.55
CA PHE A 128 19.06 -5.34 30.10
C PHE A 128 18.37 -6.04 31.29
N PHE A 129 17.14 -6.50 31.03
CA PHE A 129 16.26 -7.17 32.04
C PHE A 129 16.84 -8.54 32.38
N PRO A 130 17.09 -8.84 33.67
CA PRO A 130 17.24 -10.23 34.09
C PRO A 130 15.90 -10.95 33.92
N PRO A 131 15.92 -12.28 33.85
CA PRO A 131 14.69 -13.06 33.76
C PRO A 131 13.75 -12.79 34.95
N SER A 132 14.27 -12.33 36.09
CA SER A 132 13.50 -12.05 37.33
C SER A 132 12.93 -10.62 37.35
N TYR A 133 13.14 -9.81 36.33
CA TYR A 133 12.68 -8.40 36.40
C TYR A 133 11.17 -8.40 36.62
N PRO A 134 10.64 -7.56 37.54
CA PRO A 134 9.20 -7.52 37.82
C PRO A 134 8.38 -7.18 36.56
N SER A 135 7.44 -8.07 36.23
CA SER A 135 6.43 -7.92 35.16
C SER A 135 5.06 -7.88 35.85
N TYR A 136 4.03 -8.39 35.18
CA TYR A 136 2.67 -8.56 35.73
C TYR A 136 2.50 -10.05 36.03
N LYS A 137 1.66 -10.34 37.00
CA LYS A 137 1.26 -11.72 37.38
C LYS A 137 -0.16 -11.94 36.88
N LEU A 138 -0.42 -13.06 36.20
CA LEU A 138 -1.77 -13.49 35.77
C LEU A 138 -2.55 -13.97 37.00
N GLU A 139 -3.80 -13.57 37.17
CA GLU A 139 -4.65 -14.01 38.29
C GLU A 139 -6.09 -14.11 37.82
N ASN A 140 -6.81 -15.11 38.34
CA ASN A 140 -8.24 -15.30 38.08
C ASN A 140 -8.49 -15.50 36.58
N LEU A 141 -7.64 -16.28 35.91
CA LEU A 141 -7.91 -16.72 34.52
C LEU A 141 -9.24 -17.49 34.53
N SER A 142 -10.15 -17.09 33.66
CA SER A 142 -11.47 -17.75 33.53
CA SER A 142 -11.51 -17.67 33.54
C SER A 142 -11.82 -17.92 32.06
N SER A 143 -12.62 -18.93 31.78
CA SER A 143 -13.09 -19.29 30.43
C SER A 143 -14.45 -18.65 30.22
N SER A 144 -14.72 -18.27 28.96
CA SER A 144 -16.00 -17.70 28.46
C SER A 144 -16.39 -18.48 27.20
N GLU A 145 -17.61 -18.33 26.71
CA GLU A 145 -17.91 -18.67 25.30
C GLU A 145 -17.04 -17.73 24.47
N MET A 146 -16.35 -18.29 23.49
CA MET A 146 -15.43 -17.57 22.57
C MET A 146 -14.22 -16.90 23.25
N GLY A 147 -13.83 -17.24 24.50
CA GLY A 147 -12.42 -17.02 24.91
C GLY A 147 -12.08 -17.09 26.40
N TYR A 148 -11.17 -16.21 26.84
CA TYR A 148 -10.64 -16.14 28.22
C TYR A 148 -10.61 -14.69 28.69
N THR A 149 -10.64 -14.53 29.99
CA THR A 149 -10.43 -13.23 30.67
CA THR A 149 -10.43 -13.23 30.67
C THR A 149 -9.56 -13.47 31.90
N ALA A 150 -8.75 -12.48 32.27
CA ALA A 150 -7.90 -12.55 33.48
C ALA A 150 -7.59 -11.14 33.98
N THR A 151 -7.15 -11.07 35.23
CA THR A 151 -6.53 -9.88 35.81
C THR A 151 -5.02 -10.03 35.73
N LEU A 152 -4.34 -8.94 35.36
CA LEU A 152 -2.87 -8.83 35.43
C LEU A 152 -2.52 -7.82 36.51
N THR A 153 -1.59 -8.17 37.39
CA THR A 153 -1.17 -7.28 38.49
C THR A 153 0.34 -7.09 38.52
N ARG A 154 0.76 -5.82 38.53
CA ARG A 154 2.16 -5.42 38.76
C ARG A 154 2.25 -4.95 40.21
N THR A 155 3.25 -5.47 40.95
CA THR A 155 3.45 -5.18 42.38
C THR A 155 4.66 -4.26 42.54
N THR A 156 5.64 -4.29 41.64
CA THR A 156 6.82 -3.39 41.71
C THR A 156 6.74 -2.40 40.55
N PRO A 157 6.77 -1.08 40.80
CA PRO A 157 6.71 -0.08 39.73
C PRO A 157 7.91 -0.19 38.78
N THR A 158 7.71 0.19 37.51
CA THR A 158 8.79 0.34 36.51
C THR A 158 9.46 1.70 36.75
N PHE A 159 10.42 2.06 35.90
CA PHE A 159 11.11 3.36 35.92
C PHE A 159 10.28 4.39 35.14
N PHE A 160 9.12 4.05 34.57
CA PHE A 160 8.23 5.04 33.91
C PHE A 160 7.21 5.57 34.92
N PRO A 161 6.74 6.82 34.74
CA PRO A 161 5.64 7.34 35.55
C PRO A 161 4.31 6.68 35.18
N LYS A 162 3.40 6.65 36.14
CA LYS A 162 1.98 6.24 35.96
C LYS A 162 1.86 4.81 35.41
N ASP A 163 2.56 3.84 35.98
CA ASP A 163 2.22 2.42 35.73
C ASP A 163 0.74 2.23 36.03
N ILE A 164 0.06 1.42 35.22
CA ILE A 164 -1.31 0.94 35.53
C ILE A 164 -1.20 -0.46 36.16
N LEU A 165 -1.29 -0.51 37.49
CA LEU A 165 -0.86 -1.69 38.31
C LEU A 165 -1.84 -2.85 38.09
N THR A 166 -3.09 -2.58 37.76
CA THR A 166 -4.16 -3.60 37.55
C THR A 166 -4.69 -3.47 36.12
N LEU A 167 -4.56 -4.53 35.33
CA LEU A 167 -5.02 -4.62 33.92
C LEU A 167 -6.05 -5.75 33.80
N ARG A 168 -6.86 -5.69 32.77
CA ARG A 168 -7.77 -6.78 32.35
C ARG A 168 -7.27 -7.32 31.01
N LEU A 169 -7.14 -8.64 30.92
CA LEU A 169 -6.81 -9.38 29.68
C LEU A 169 -8.10 -9.98 29.15
N ASP A 170 -8.43 -9.73 27.88
CA ASP A 170 -9.54 -10.42 27.17
C ASP A 170 -8.95 -11.15 25.96
N VAL A 171 -9.21 -12.44 25.86
CA VAL A 171 -8.76 -13.30 24.73
C VAL A 171 -10.02 -13.77 24.02
N MET A 172 -10.10 -13.46 22.72
CA MET A 172 -11.25 -13.81 21.85
CA MET A 172 -11.25 -13.81 21.85
C MET A 172 -10.75 -14.72 20.72
N MET A 173 -11.28 -15.93 20.67
CA MET A 173 -10.94 -16.91 19.62
C MET A 173 -11.97 -16.75 18.52
N GLU A 174 -11.73 -15.77 17.64
CA GLU A 174 -12.79 -15.17 16.79
C GLU A 174 -13.13 -16.09 15.62
N THR A 175 -12.14 -16.65 14.94
CA THR A 175 -12.32 -17.60 13.82
C THR A 175 -11.23 -18.65 13.92
N GLU A 176 -11.24 -19.67 13.08
CA GLU A 176 -10.15 -20.68 13.10
C GLU A 176 -8.83 -20.01 12.73
N ASN A 177 -8.87 -18.85 12.04
CA ASN A 177 -7.65 -18.17 11.51
C ASN A 177 -7.25 -16.98 12.37
N ARG A 178 -8.19 -16.40 13.14
CA ARG A 178 -8.01 -15.09 13.81
C ARG A 178 -8.14 -15.23 15.32
N LEU A 179 -7.04 -15.01 16.03
CA LEU A 179 -6.98 -14.86 17.50
C LEU A 179 -6.87 -13.35 17.80
N HIS A 180 -7.59 -12.89 18.82
CA HIS A 180 -7.66 -11.45 19.17
C HIS A 180 -7.56 -11.32 20.68
N PHE A 181 -6.64 -10.52 21.19
CA PHE A 181 -6.60 -10.24 22.65
C PHE A 181 -6.37 -8.75 22.88
N THR A 182 -6.96 -8.26 23.97
CA THR A 182 -6.75 -6.87 24.44
C THR A 182 -6.23 -6.89 25.87
N ILE A 183 -5.41 -5.91 26.17
CA ILE A 183 -5.00 -5.59 27.57
C ILE A 183 -5.39 -4.14 27.80
N LYS A 184 -6.24 -3.92 28.79
CA LYS A 184 -6.88 -2.61 29.08
C LYS A 184 -6.80 -2.30 30.57
N ASP A 185 -7.08 -1.05 30.91
CA ASP A 185 -7.29 -0.57 32.29
C ASP A 185 -8.78 -0.73 32.61
N PRO A 186 -9.16 -1.69 33.48
CA PRO A 186 -10.58 -1.90 33.79
C PRO A 186 -11.22 -0.71 34.54
N ALA A 187 -10.42 0.18 35.11
CA ALA A 187 -10.92 1.32 35.92
C ALA A 187 -11.06 2.58 35.06
N ASN A 188 -10.47 2.62 33.85
CA ASN A 188 -10.55 3.83 32.99
C ASN A 188 -10.64 3.44 31.52
N ARG A 189 -11.59 4.01 30.81
CA ARG A 189 -11.68 3.91 29.33
C ARG A 189 -10.46 4.67 28.78
N ARG A 190 -9.55 4.00 28.09
CA ARG A 190 -8.36 4.65 27.47
C ARG A 190 -8.66 4.83 25.98
N TYR A 191 -7.87 5.66 25.29
CA TYR A 191 -8.01 5.91 23.85
C TYR A 191 -7.92 4.57 23.08
N GLU A 192 -8.82 4.38 22.13
CA GLU A 192 -8.85 3.24 21.20
C GLU A 192 -9.10 3.77 19.81
N VAL A 193 -8.40 3.18 18.85
CA VAL A 193 -8.50 3.53 17.41
C VAL A 193 -9.92 3.18 17.00
N PRO A 194 -10.65 4.15 16.40
CA PRO A 194 -11.97 3.85 15.83
C PRO A 194 -11.83 2.89 14.64
N LEU A 195 -12.37 1.68 14.75
CA LEU A 195 -12.39 0.64 13.69
C LEU A 195 -13.70 -0.15 13.76
N GLU A 196 -14.28 -0.41 12.58
CA GLU A 196 -15.48 -1.24 12.36
C GLU A 196 -15.10 -2.71 12.52
N THR A 197 -16.02 -3.56 12.99
CA THR A 197 -15.79 -5.00 13.25
C THR A 197 -16.70 -5.84 12.35
N ALA A 204 -10.76 -31.21 9.94
CA ALA A 204 -11.32 -31.44 11.30
C ALA A 204 -11.51 -30.10 11.99
N PRO A 205 -12.65 -29.89 12.68
CA PRO A 205 -12.98 -28.57 13.25
C PRO A 205 -12.19 -28.22 14.51
N SER A 206 -11.35 -27.18 14.40
CA SER A 206 -10.43 -26.69 15.46
C SER A 206 -9.66 -25.49 14.91
N PRO A 207 -9.28 -24.49 15.72
CA PRO A 207 -8.55 -23.35 15.19
C PRO A 207 -7.17 -23.78 14.71
N LEU A 208 -6.50 -22.95 13.90
CA LEU A 208 -5.10 -23.20 13.46
C LEU A 208 -4.13 -22.92 14.62
N TYR A 209 -4.57 -22.21 15.65
CA TYR A 209 -3.76 -21.80 16.81
C TYR A 209 -4.19 -22.59 18.05
N SER A 210 -3.29 -22.65 19.02
CA SER A 210 -3.59 -22.94 20.45
C SER A 210 -2.98 -21.82 21.26
N VAL A 211 -3.53 -21.53 22.43
CA VAL A 211 -3.06 -20.39 23.27
C VAL A 211 -2.87 -20.91 24.68
N GLU A 212 -1.73 -20.57 25.27
CA GLU A 212 -1.40 -20.85 26.69
C GLU A 212 -0.95 -19.55 27.35
N PHE A 213 -0.83 -19.54 28.67
CA PHE A 213 -0.40 -18.35 29.42
C PHE A 213 0.68 -18.73 30.43
N SER A 214 1.70 -17.89 30.52
CA SER A 214 2.64 -17.88 31.65
C SER A 214 2.02 -17.04 32.79
N GLU A 215 2.08 -17.56 34.02
CA GLU A 215 1.47 -16.93 35.22
C GLU A 215 2.34 -15.77 35.71
N GLU A 216 3.64 -16.02 35.87
CA GLU A 216 4.58 -15.04 36.48
C GLU A 216 6.00 -15.37 36.04
N PRO A 217 6.63 -14.59 35.13
CA PRO A 217 6.02 -13.39 34.57
C PRO A 217 4.95 -13.71 33.51
N PHE A 218 3.97 -12.83 33.39
CA PHE A 218 2.83 -13.00 32.46
C PHE A 218 3.33 -13.05 31.02
N GLY A 219 2.79 -13.98 30.27
CA GLY A 219 3.00 -14.04 28.80
C GLY A 219 1.85 -14.73 28.12
N VAL A 220 1.60 -14.38 26.86
CA VAL A 220 0.64 -15.08 25.97
C VAL A 220 1.49 -15.93 25.02
N ILE A 221 1.25 -17.23 24.98
CA ILE A 221 1.98 -18.17 24.09
C ILE A 221 1.00 -18.70 23.04
N VAL A 222 1.27 -18.47 21.76
CA VAL A 222 0.44 -18.93 20.62
C VAL A 222 1.27 -19.94 19.82
N HIS A 223 0.80 -21.18 19.76
CA HIS A 223 1.38 -22.26 18.92
C HIS A 223 0.60 -22.34 17.62
N ARG A 224 1.28 -22.65 16.51
CA ARG A 224 0.63 -23.26 15.33
C ARG A 224 0.28 -24.71 15.70
N GLN A 225 -0.99 -25.08 15.66
CA GLN A 225 -1.48 -26.42 16.08
C GLN A 225 -0.88 -27.52 15.18
N LEU A 226 -0.75 -27.30 13.88
CA LEU A 226 -0.36 -28.36 12.92
C LEU A 226 1.05 -28.87 13.23
N ASP A 227 2.03 -27.99 13.53
CA ASP A 227 3.44 -28.42 13.70
C ASP A 227 4.01 -27.99 15.06
N GLY A 228 3.23 -27.38 15.93
CA GLY A 228 3.69 -26.99 17.28
C GLY A 228 4.61 -25.77 17.29
N ARG A 229 4.77 -25.05 16.17
CA ARG A 229 5.74 -23.94 16.14
C ARG A 229 5.24 -22.81 17.04
N VAL A 230 6.12 -22.25 17.87
CA VAL A 230 5.80 -21.08 18.74
C VAL A 230 5.83 -19.84 17.85
N LEU A 231 4.69 -19.18 17.68
CA LEU A 231 4.54 -17.98 16.81
C LEU A 231 4.65 -16.72 17.67
N LEU A 232 3.90 -16.66 18.77
CA LEU A 232 3.92 -15.54 19.74
C LEU A 232 4.32 -16.10 21.10
N ASN A 233 5.25 -15.44 21.78
CA ASN A 233 5.61 -15.74 23.21
C ASN A 233 5.98 -14.44 23.91
N THR A 234 5.03 -13.84 24.62
CA THR A 234 5.25 -12.49 25.21
C THR A 234 5.94 -12.65 26.57
N THR A 235 6.23 -13.88 27.00
CA THR A 235 6.95 -14.13 28.28
C THR A 235 8.41 -13.67 28.14
N VAL A 236 8.90 -13.40 26.92
CA VAL A 236 10.36 -13.19 26.67
C VAL A 236 10.84 -11.90 27.34
N ALA A 237 9.98 -10.93 27.62
CA ALA A 237 10.37 -9.69 28.31
C ALA A 237 9.21 -9.18 29.17
N PRO A 238 9.46 -8.24 30.10
CA PRO A 238 8.40 -7.74 30.97
C PRO A 238 7.27 -7.09 30.16
N LEU A 239 6.05 -7.15 30.68
CA LEU A 239 4.96 -6.28 30.18
C LEU A 239 5.07 -4.94 30.90
N PHE A 240 5.20 -3.86 30.13
CA PHE A 240 5.10 -2.45 30.62
C PHE A 240 3.75 -1.93 30.18
N PHE A 241 2.99 -1.34 31.10
CA PHE A 241 1.70 -0.72 30.75
C PHE A 241 1.53 0.51 31.64
N ALA A 242 2.08 1.62 31.17
CA ALA A 242 2.04 2.93 31.85
C ALA A 242 1.25 3.89 30.96
N ASP A 243 0.71 4.94 31.56
CA ASP A 243 -0.20 5.89 30.86
C ASP A 243 0.35 6.24 29.47
N GLN A 244 1.66 6.53 29.36
CA GLN A 244 2.28 6.98 28.07
C GLN A 244 3.43 6.03 27.70
N PHE A 245 3.37 4.77 28.11
CA PHE A 245 4.38 3.78 27.66
C PHE A 245 3.83 2.36 27.79
N LEU A 246 3.56 1.73 26.65
CA LEU A 246 3.23 0.29 26.53
C LEU A 246 4.40 -0.43 25.88
N GLN A 247 4.81 -1.58 26.43
CA GLN A 247 5.79 -2.45 25.76
C GLN A 247 5.33 -3.90 25.92
N LEU A 248 5.18 -4.57 24.77
CA LEU A 248 4.89 -6.02 24.68
C LEU A 248 5.92 -6.60 23.72
N SER A 249 6.62 -7.67 24.12
CA SER A 249 7.67 -8.31 23.29
C SER A 249 7.23 -9.71 22.92
N THR A 250 7.85 -10.27 21.89
CA THR A 250 7.64 -11.66 21.44
C THR A 250 8.90 -12.18 20.77
N SER A 251 9.15 -13.47 20.92
CA SER A 251 10.06 -14.22 20.01
C SER A 251 9.45 -14.15 18.60
N LEU A 252 10.29 -14.18 17.58
CA LEU A 252 9.85 -14.33 16.17
C LEU A 252 10.23 -15.75 15.73
N PRO A 253 9.49 -16.35 14.78
CA PRO A 253 9.73 -17.75 14.42
C PRO A 253 10.94 -17.89 13.47
N SER A 254 11.42 -16.79 12.91
CA SER A 254 12.52 -16.79 11.92
C SER A 254 13.11 -15.39 11.84
N GLN A 255 14.17 -15.23 11.05
CA GLN A 255 14.82 -13.92 10.80
C GLN A 255 14.06 -13.16 9.71
N TYR A 256 12.93 -13.69 9.22
CA TYR A 256 12.20 -13.15 8.04
C TYR A 256 10.88 -12.53 8.48
N ILE A 257 10.83 -11.21 8.37
CA ILE A 257 9.69 -10.36 8.82
C ILE A 257 9.58 -9.15 7.89
N THR A 258 8.35 -8.87 7.45
CA THR A 258 8.02 -7.74 6.54
C THR A 258 6.81 -7.00 7.10
N GLY A 259 6.69 -5.71 6.80
CA GLY A 259 5.60 -4.85 7.29
C GLY A 259 6.14 -3.58 7.92
N LEU A 260 5.33 -2.98 8.80
CA LEU A 260 5.75 -1.82 9.61
C LEU A 260 6.13 -0.65 8.70
N ALA A 261 5.30 -0.35 7.70
CA ALA A 261 5.37 0.86 6.85
C ALA A 261 5.16 2.10 7.70
N GLU A 262 5.62 3.27 7.25
CA GLU A 262 6.26 3.49 5.96
C GLU A 262 7.74 3.87 6.17
N HIS A 263 8.64 3.09 5.57
CA HIS A 263 10.11 3.26 5.69
C HIS A 263 10.73 2.79 4.37
N LEU A 264 11.82 3.43 3.98
CA LEU A 264 12.65 3.01 2.83
C LEU A 264 13.60 1.93 3.33
N SER A 265 13.27 0.68 3.01
CA SER A 265 13.88 -0.55 3.58
C SER A 265 13.80 -1.66 2.54
N PRO A 266 14.65 -2.71 2.62
CA PRO A 266 14.34 -3.98 1.95
C PRO A 266 12.95 -4.46 2.40
N LEU A 267 12.29 -5.27 1.58
CA LEU A 267 10.95 -5.82 1.90
C LEU A 267 11.07 -6.60 3.21
N MET A 268 12.11 -7.43 3.32
CA MET A 268 12.44 -8.18 4.57
C MET A 268 13.24 -7.24 5.48
N LEU A 269 12.73 -7.00 6.69
CA LEU A 269 13.33 -6.01 7.62
C LEU A 269 14.56 -6.63 8.27
N SER A 270 15.56 -5.82 8.61
CA SER A 270 16.78 -6.24 9.35
C SER A 270 16.40 -6.53 10.81
N THR A 271 16.77 -7.69 11.34
CA THR A 271 16.60 -7.98 12.78
C THR A 271 17.84 -7.59 13.60
N SER A 272 18.79 -6.84 13.02
CA SER A 272 20.08 -6.45 13.65
C SER A 272 19.90 -5.18 14.50
N TRP A 273 19.12 -5.28 15.56
CA TRP A 273 18.92 -4.15 16.52
C TRP A 273 18.38 -2.95 15.75
N THR A 274 17.27 -3.14 15.05
CA THR A 274 16.63 -2.12 14.17
C THR A 274 15.51 -1.46 14.98
N ARG A 275 15.48 -0.13 15.03
CA ARG A 275 14.37 0.65 15.63
C ARG A 275 13.51 1.26 14.51
N ILE A 276 12.27 0.80 14.35
CA ILE A 276 11.34 1.25 13.26
C ILE A 276 10.30 2.15 13.91
N THR A 277 10.26 3.42 13.50
CA THR A 277 9.44 4.47 14.16
C THR A 277 8.20 4.72 13.29
N LEU A 278 7.01 4.67 13.91
CA LEU A 278 5.70 4.94 13.29
C LEU A 278 5.19 6.27 13.84
N TRP A 279 5.46 7.36 13.11
CA TRP A 279 4.97 8.73 13.42
C TRP A 279 4.91 9.49 12.11
N ASN A 280 3.70 9.69 11.58
CA ASN A 280 3.53 10.20 10.21
C ASN A 280 4.29 11.52 10.08
N ARG A 281 5.14 11.62 9.07
CA ARG A 281 6.13 12.71 8.94
C ARG A 281 6.36 13.03 7.46
N ASP A 282 6.29 14.32 7.14
CA ASP A 282 6.74 14.89 5.85
C ASP A 282 8.27 14.89 5.82
N LEU A 283 8.83 13.96 5.08
CA LEU A 283 10.29 13.85 4.83
C LEU A 283 10.50 13.06 3.54
N ALA A 284 11.42 13.52 2.70
CA ALA A 284 11.80 12.81 1.45
C ALA A 284 12.30 11.42 1.83
N PRO A 285 11.80 10.35 1.19
CA PRO A 285 12.22 9.00 1.56
C PRO A 285 13.74 8.86 1.63
N THR A 286 14.18 8.39 2.79
CA THR A 286 15.59 8.10 3.15
C THR A 286 15.53 6.99 4.21
N PRO A 287 16.53 6.08 4.27
CA PRO A 287 16.51 4.95 5.21
C PRO A 287 16.58 5.37 6.69
N GLY A 288 15.94 4.61 7.58
CA GLY A 288 16.04 4.82 9.03
C GLY A 288 15.15 5.93 9.57
N ALA A 289 14.34 6.58 8.72
CA ALA A 289 13.45 7.72 9.09
C ALA A 289 11.98 7.28 9.15
N ASN A 290 11.21 7.89 10.06
CA ASN A 290 9.72 7.77 10.01
C ASN A 290 9.25 8.57 8.80
N LEU A 291 8.52 7.95 7.89
CA LEU A 291 7.98 8.65 6.70
C LEU A 291 6.48 8.94 6.86
N TYR A 292 5.76 9.09 5.75
CA TYR A 292 4.42 9.71 5.71
C TYR A 292 3.32 8.87 6.39
N GLY A 293 3.49 7.54 6.47
CA GLY A 293 2.45 6.61 6.96
C GLY A 293 2.93 5.69 8.08
N SER A 294 1.98 5.00 8.71
CA SER A 294 2.19 4.07 9.84
C SER A 294 1.25 2.88 9.70
N HIS A 295 1.81 1.69 9.59
CA HIS A 295 1.04 0.43 9.48
C HIS A 295 1.63 -0.57 10.50
N PRO A 296 1.10 -0.60 11.73
CA PRO A 296 1.62 -1.50 12.77
C PRO A 296 1.15 -2.93 12.53
N PHE A 297 1.64 -3.52 11.45
CA PHE A 297 1.36 -4.91 11.02
C PHE A 297 2.66 -5.55 10.52
N TYR A 298 2.92 -6.78 10.93
CA TYR A 298 4.00 -7.59 10.35
C TYR A 298 3.47 -8.95 9.92
N LEU A 299 4.08 -9.48 8.87
CA LEU A 299 3.97 -10.88 8.41
C LEU A 299 5.33 -11.56 8.66
N ALA A 300 5.31 -12.67 9.39
CA ALA A 300 6.51 -13.41 9.80
C ALA A 300 6.52 -14.77 9.10
N LEU A 301 7.59 -15.08 8.38
CA LEU A 301 7.74 -16.38 7.70
C LEU A 301 8.25 -17.43 8.69
N GLU A 302 7.84 -18.68 8.46
CA GLU A 302 8.24 -19.86 9.27
C GLU A 302 8.93 -20.86 8.35
N ASP A 303 9.96 -21.53 8.85
CA ASP A 303 10.72 -22.54 8.08
C ASP A 303 9.72 -23.51 7.43
N GLY A 304 9.85 -23.76 6.12
CA GLY A 304 8.90 -24.61 5.39
C GLY A 304 7.90 -23.82 4.55
N GLY A 305 7.68 -22.54 4.84
CA GLY A 305 6.87 -21.65 3.99
C GLY A 305 5.50 -21.25 4.54
N SER A 306 5.12 -21.68 5.74
CA SER A 306 3.93 -21.13 6.42
C SER A 306 4.29 -19.73 6.95
N ALA A 307 3.29 -18.98 7.36
CA ALA A 307 3.47 -17.60 7.87
C ALA A 307 2.32 -17.26 8.81
N HIS A 308 2.50 -16.25 9.64
CA HIS A 308 1.41 -15.63 10.40
C HIS A 308 1.60 -14.11 10.32
N GLY A 309 0.57 -13.37 10.71
CA GLY A 309 0.56 -11.91 10.78
C GLY A 309 0.20 -11.47 12.19
N VAL A 310 0.71 -10.31 12.61
CA VAL A 310 0.32 -9.64 13.87
C VAL A 310 -0.01 -8.19 13.57
N PHE A 311 -1.19 -7.75 14.02
CA PHE A 311 -1.68 -6.36 13.92
C PHE A 311 -1.83 -5.82 15.34
N LEU A 312 -1.05 -4.79 15.69
CA LEU A 312 -1.30 -4.01 16.93
C LEU A 312 -2.16 -2.81 16.54
N LEU A 313 -3.44 -2.82 16.92
CA LEU A 313 -4.40 -1.73 16.60
C LEU A 313 -4.15 -0.58 17.58
N ASN A 314 -3.18 0.25 17.24
CA ASN A 314 -2.66 1.32 18.13
C ASN A 314 -2.14 2.43 17.22
N SER A 315 -2.64 3.67 17.36
CA SER A 315 -2.34 4.79 16.43
C SER A 315 -1.38 5.79 17.09
N ASN A 316 -0.85 5.47 18.27
CA ASN A 316 0.09 6.37 18.99
C ASN A 316 1.45 6.33 18.29
N ALA A 317 2.27 7.36 18.49
CA ALA A 317 3.70 7.33 18.14
C ALA A 317 4.29 6.05 18.74
N MET A 318 5.04 5.27 17.97
CA MET A 318 5.59 4.00 18.50
C MET A 318 6.92 3.67 17.84
N ASP A 319 7.76 2.97 18.59
CA ASP A 319 8.93 2.26 18.04
C ASP A 319 8.59 0.78 18.02
N VAL A 320 9.11 0.09 17.01
CA VAL A 320 9.16 -1.39 16.98
C VAL A 320 10.62 -1.79 16.85
N VAL A 321 11.12 -2.50 17.87
CA VAL A 321 12.58 -2.82 17.98
C VAL A 321 12.77 -4.30 17.65
N LEU A 322 13.52 -4.58 16.61
CA LEU A 322 13.81 -5.96 16.15
C LEU A 322 15.22 -6.33 16.63
N GLN A 323 15.40 -7.52 17.16
CA GLN A 323 16.73 -8.00 17.60
C GLN A 323 16.97 -9.43 17.12
N PRO A 324 18.24 -9.85 17.02
CA PRO A 324 18.62 -11.04 16.23
C PRO A 324 18.36 -12.42 16.84
N SER A 325 17.73 -12.50 18.03
CA SER A 325 17.50 -13.76 18.76
C SER A 325 16.77 -14.81 17.93
N PRO A 326 15.69 -14.55 17.16
CA PRO A 326 15.12 -13.23 16.84
C PRO A 326 13.87 -12.89 17.65
N ALA A 327 13.58 -11.59 17.80
CA ALA A 327 12.51 -11.10 18.68
C ALA A 327 12.13 -9.67 18.27
N LEU A 328 10.98 -9.23 18.76
CA LEU A 328 10.37 -7.93 18.43
C LEU A 328 9.77 -7.33 19.70
N SER A 329 9.88 -6.02 19.88
CA SER A 329 9.21 -5.28 20.99
C SER A 329 8.38 -4.14 20.40
N TRP A 330 7.08 -4.16 20.64
CA TRP A 330 6.19 -3.00 20.41
C TRP A 330 6.41 -2.03 21.56
N ARG A 331 6.71 -0.76 21.28
CA ARG A 331 6.78 0.29 22.31
C ARG A 331 5.90 1.46 21.88
N SER A 332 4.73 1.60 22.47
CA SER A 332 3.79 2.69 22.13
C SER A 332 3.74 3.71 23.28
N THR A 333 3.38 4.94 22.95
CA THR A 333 3.32 6.11 23.84
C THR A 333 1.86 6.34 24.31
N GLY A 334 0.93 5.43 24.03
CA GLY A 334 -0.44 5.57 24.55
C GLY A 334 -1.37 4.46 24.13
N GLY A 335 -2.67 4.68 24.37
CA GLY A 335 -3.72 3.74 23.96
C GLY A 335 -3.69 2.46 24.78
N ILE A 336 -4.11 1.37 24.16
CA ILE A 336 -4.16 0.03 24.79
C ILE A 336 -3.40 -0.97 23.92
N LEU A 337 -3.23 -2.19 24.40
CA LEU A 337 -2.71 -3.30 23.58
C LEU A 337 -3.92 -4.04 23.00
N ASP A 338 -4.10 -3.91 21.71
CA ASP A 338 -5.18 -4.57 20.94
C ASP A 338 -4.49 -5.36 19.84
N VAL A 339 -4.40 -6.68 20.03
CA VAL A 339 -3.51 -7.54 19.21
C VAL A 339 -4.36 -8.57 18.46
N TYR A 340 -4.18 -8.62 17.13
CA TYR A 340 -4.71 -9.72 16.28
C TYR A 340 -3.55 -10.60 15.78
N ILE A 341 -3.76 -11.92 15.82
CA ILE A 341 -2.83 -12.91 15.22
C ILE A 341 -3.58 -13.64 14.11
N PHE A 342 -2.98 -13.66 12.92
CA PHE A 342 -3.60 -14.26 11.71
C PHE A 342 -2.76 -15.49 11.33
N LEU A 343 -3.38 -16.67 11.32
CA LEU A 343 -2.63 -17.96 11.29
C LEU A 343 -2.34 -18.46 9.86
N GLY A 344 -2.79 -17.79 8.80
CA GLY A 344 -2.42 -18.21 7.43
C GLY A 344 -3.10 -19.54 7.10
N PRO A 345 -2.34 -20.63 6.80
CA PRO A 345 -0.89 -20.68 6.93
C PRO A 345 -0.09 -20.08 5.76
N GLU A 346 -0.74 -19.87 4.61
CA GLU A 346 -0.09 -19.31 3.39
C GLU A 346 0.06 -17.79 3.56
N PRO A 347 1.22 -17.20 3.20
CA PRO A 347 1.37 -15.74 3.23
C PRO A 347 0.20 -14.98 2.57
N LYS A 348 -0.38 -15.49 1.48
CA LYS A 348 -1.52 -14.82 0.78
C LYS A 348 -2.77 -14.82 1.68
N SER A 349 -2.97 -15.92 2.42
CA SER A 349 -4.06 -16.07 3.42
C SER A 349 -3.84 -15.14 4.62
N VAL A 350 -2.59 -14.97 5.07
CA VAL A 350 -2.28 -14.03 6.18
C VAL A 350 -2.76 -12.64 5.75
N VAL A 351 -2.38 -12.19 4.56
CA VAL A 351 -2.73 -10.83 4.06
C VAL A 351 -4.26 -10.72 3.98
N GLN A 352 -4.92 -11.73 3.43
CA GLN A 352 -6.40 -11.72 3.29
C GLN A 352 -7.03 -11.62 4.68
N GLN A 353 -6.50 -12.37 5.65
CA GLN A 353 -7.05 -12.42 7.03
C GLN A 353 -6.89 -11.06 7.71
N TYR A 354 -5.75 -10.42 7.50
CA TYR A 354 -5.49 -9.05 8.00
C TYR A 354 -6.52 -8.10 7.38
N LEU A 355 -6.77 -8.24 6.07
CA LEU A 355 -7.64 -7.29 5.34
C LEU A 355 -9.11 -7.58 5.69
N ASP A 356 -9.41 -8.77 6.23
CA ASP A 356 -10.75 -9.10 6.79
CA ASP A 356 -10.76 -9.08 6.75
C ASP A 356 -11.05 -8.19 7.97
N VAL A 357 -10.00 -7.74 8.67
CA VAL A 357 -10.14 -6.85 9.87
C VAL A 357 -10.11 -5.39 9.42
N VAL A 358 -9.12 -4.98 8.60
CA VAL A 358 -8.93 -3.52 8.32
C VAL A 358 -9.71 -3.09 7.08
N GLY A 359 -10.15 -4.02 6.23
CA GLY A 359 -10.89 -3.65 4.99
C GLY A 359 -10.18 -4.14 3.74
N TYR A 360 -10.97 -4.70 2.80
CA TYR A 360 -10.55 -5.07 1.44
C TYR A 360 -10.32 -3.79 0.67
N PRO A 361 -9.30 -3.74 -0.19
CA PRO A 361 -9.04 -2.58 -1.02
C PRO A 361 -10.28 -2.14 -1.80
N PHE A 362 -10.44 -0.84 -1.98
CA PHE A 362 -11.53 -0.26 -2.80
C PHE A 362 -11.27 -0.63 -4.25
N MET A 363 -12.34 -0.69 -5.04
CA MET A 363 -12.25 -0.92 -6.51
C MET A 363 -12.08 0.43 -7.19
N PRO A 364 -10.96 0.67 -7.87
CA PRO A 364 -10.77 1.93 -8.56
C PRO A 364 -11.62 1.96 -9.83
N PRO A 365 -11.85 3.17 -10.37
CA PRO A 365 -12.38 3.29 -11.73
C PRO A 365 -11.33 2.74 -12.72
N TYR A 366 -11.77 2.15 -13.82
CA TYR A 366 -10.87 1.60 -14.87
C TYR A 366 -9.89 2.69 -15.30
N TRP A 367 -10.38 3.91 -15.51
CA TRP A 367 -9.57 5.05 -16.03
C TRP A 367 -8.40 5.32 -15.08
N GLY A 368 -8.56 5.01 -13.80
CA GLY A 368 -7.53 5.17 -12.75
C GLY A 368 -6.30 4.31 -13.00
N LEU A 369 -6.41 3.29 -13.83
CA LEU A 369 -5.30 2.35 -14.14
C LEU A 369 -4.52 2.85 -15.37
N GLY A 370 -5.04 3.85 -16.08
CA GLY A 370 -4.31 4.46 -17.20
C GLY A 370 -3.15 5.31 -16.73
N PHE A 371 -2.47 5.99 -17.66
CA PHE A 371 -1.28 6.81 -17.35
C PHE A 371 -1.77 8.15 -16.82
N HIS A 372 -1.11 8.62 -15.75
CA HIS A 372 -1.31 9.94 -15.12
C HIS A 372 -0.06 10.78 -15.35
N LEU A 373 -0.23 12.08 -15.60
CA LEU A 373 0.90 13.00 -15.88
C LEU A 373 0.65 14.31 -15.16
N CYS A 374 1.66 14.72 -14.41
CA CYS A 374 1.61 15.85 -13.47
C CYS A 374 2.99 16.49 -13.35
N ARG A 375 3.02 17.76 -13.01
CA ARG A 375 4.22 18.40 -12.41
C ARG A 375 3.75 19.64 -11.67
N TRP A 376 4.60 20.12 -10.78
CA TRP A 376 4.53 21.50 -10.28
C TRP A 376 5.21 22.38 -11.33
N GLY A 377 4.44 23.23 -12.00
CA GLY A 377 4.99 24.18 -13.00
C GLY A 377 4.20 24.20 -14.29
N TYR A 378 3.11 23.41 -14.38
CA TYR A 378 2.10 23.61 -15.45
C TYR A 378 1.25 24.82 -15.02
N SER A 379 1.71 26.02 -15.36
CA SER A 379 1.35 27.28 -14.67
C SER A 379 0.22 28.02 -15.39
N SER A 380 -0.40 27.42 -16.39
CA SER A 380 -1.58 27.97 -17.09
C SER A 380 -2.38 26.83 -17.71
N THR A 381 -3.65 27.07 -18.06
CA THR A 381 -4.47 26.12 -18.85
C THR A 381 -3.78 25.90 -20.20
N ALA A 382 -3.14 26.93 -20.77
CA ALA A 382 -2.51 26.85 -22.11
C ALA A 382 -1.35 25.85 -22.03
N ILE A 383 -0.51 25.94 -21.00
CA ILE A 383 0.65 25.01 -20.83
C ILE A 383 0.06 23.62 -20.56
N THR A 384 -0.97 23.53 -19.73
CA THR A 384 -1.55 22.23 -19.32
C THR A 384 -2.14 21.55 -20.55
N ARG A 385 -2.85 22.30 -21.40
CA ARG A 385 -3.43 21.76 -22.67
C ARG A 385 -2.30 21.25 -23.59
N GLN A 386 -1.16 21.94 -23.63
CA GLN A 386 0.01 21.56 -24.48
C GLN A 386 0.57 20.20 -24.05
N VAL A 387 0.45 19.83 -22.78
CA VAL A 387 0.94 18.50 -22.32
C VAL A 387 0.16 17.43 -23.07
N VAL A 388 -1.16 17.53 -23.04
CA VAL A 388 -2.07 16.57 -23.71
C VAL A 388 -1.79 16.58 -25.22
N GLU A 389 -1.63 17.77 -25.80
CA GLU A 389 -1.37 17.92 -27.25
C GLU A 389 -0.06 17.22 -27.60
N ASN A 390 0.98 17.44 -26.79
CA ASN A 390 2.35 16.89 -27.06
C ASN A 390 2.32 15.37 -26.88
N MET A 391 1.60 14.89 -25.87
CA MET A 391 1.47 13.43 -25.63
C MET A 391 0.73 12.81 -26.82
N THR A 392 -0.36 13.45 -27.27
CA THR A 392 -1.21 12.92 -28.35
C THR A 392 -0.43 12.94 -29.67
N ARG A 393 0.23 14.05 -29.99
CA ARG A 393 1.05 14.21 -31.22
C ARG A 393 2.01 13.01 -31.34
N ALA A 394 2.60 12.55 -30.24
CA ALA A 394 3.69 11.54 -30.25
C ALA A 394 3.15 10.16 -29.87
N HIS A 395 1.83 9.97 -29.91
CA HIS A 395 1.15 8.66 -29.75
C HIS A 395 1.45 8.07 -28.37
N PHE A 396 1.47 8.90 -27.34
CA PHE A 396 1.61 8.41 -25.93
C PHE A 396 0.24 8.40 -25.27
N PRO A 397 -0.25 7.25 -24.80
CA PRO A 397 -1.49 7.19 -24.02
C PRO A 397 -1.40 8.13 -22.81
N LEU A 398 -2.53 8.76 -22.48
CA LEU A 398 -2.69 9.62 -21.30
C LEU A 398 -4.17 9.65 -20.93
N ASP A 399 -4.52 9.05 -19.79
CA ASP A 399 -5.93 9.01 -19.31
C ASP A 399 -6.21 10.25 -18.49
N VAL A 400 -5.27 10.70 -17.67
CA VAL A 400 -5.57 11.72 -16.63
C VAL A 400 -4.50 12.80 -16.65
N GLN A 401 -4.91 14.03 -16.94
CA GLN A 401 -4.05 15.22 -16.76
C GLN A 401 -4.24 15.74 -15.33
N TRP A 402 -3.14 16.08 -14.66
CA TRP A 402 -3.13 16.59 -13.27
C TRP A 402 -2.61 18.02 -13.24
N ASN A 403 -2.98 18.78 -12.21
CA ASN A 403 -2.25 20.01 -11.82
C ASN A 403 -1.89 19.92 -10.34
N ASP A 404 -0.75 20.51 -10.01
CA ASP A 404 -0.26 20.78 -8.63
C ASP A 404 -0.80 22.17 -8.22
N LEU A 405 -0.09 22.87 -7.33
CA LEU A 405 -0.52 24.14 -6.70
C LEU A 405 -0.83 25.23 -7.75
N ASP A 406 -0.31 25.09 -8.98
CA ASP A 406 -0.45 26.09 -10.08
C ASP A 406 -1.89 26.61 -10.20
N TYR A 407 -2.92 25.76 -10.11
CA TYR A 407 -4.31 26.14 -10.48
C TYR A 407 -4.87 27.14 -9.47
N MET A 408 -4.38 27.10 -8.23
CA MET A 408 -5.04 27.80 -7.09
C MET A 408 -4.86 29.32 -7.17
N ASP A 409 -5.77 30.05 -6.51
CA ASP A 409 -5.61 31.49 -6.18
C ASP A 409 -4.79 31.62 -4.88
N SER A 410 -3.53 32.07 -4.98
CA SER A 410 -2.60 32.27 -3.84
C SER A 410 -2.51 30.96 -3.03
N ARG A 411 -2.47 29.82 -3.73
CA ARG A 411 -2.17 28.49 -3.14
C ARG A 411 -3.23 28.13 -2.08
N ARG A 412 -4.48 28.52 -2.32
CA ARG A 412 -5.66 28.19 -1.49
C ARG A 412 -6.54 27.11 -2.15
N ASP A 413 -6.90 26.08 -1.36
CA ASP A 413 -7.91 25.05 -1.71
C ASP A 413 -9.20 25.72 -2.23
N PHE A 414 -9.86 25.08 -3.18
CA PHE A 414 -11.23 25.41 -3.64
C PHE A 414 -11.26 26.83 -4.23
N THR A 415 -10.17 27.25 -4.85
CA THR A 415 -10.07 28.48 -5.68
C THR A 415 -9.35 28.12 -6.98
N PHE A 416 -9.44 28.98 -7.99
CA PHE A 416 -8.51 28.95 -9.15
C PHE A 416 -8.18 30.40 -9.52
N ASN A 417 -6.94 30.66 -9.91
CA ASN A 417 -6.49 32.06 -10.18
C ASN A 417 -7.11 32.48 -11.52
N LYS A 418 -7.27 33.78 -11.75
CA LYS A 418 -7.96 34.35 -12.95
C LYS A 418 -6.92 34.91 -13.94
N ASP A 419 -5.66 34.49 -13.82
CA ASP A 419 -4.57 34.75 -14.78
C ASP A 419 -4.44 33.51 -15.69
N GLY A 420 -3.47 32.65 -15.38
CA GLY A 420 -3.21 31.41 -16.14
C GLY A 420 -4.39 30.47 -16.14
N PHE A 421 -5.25 30.49 -15.10
CA PHE A 421 -6.32 29.48 -14.93
C PHE A 421 -7.70 30.10 -15.06
N ARG A 422 -7.78 31.27 -15.68
CA ARG A 422 -9.07 31.99 -15.85
C ARG A 422 -10.11 31.03 -16.44
N ASP A 423 -9.73 30.18 -17.40
CA ASP A 423 -10.67 29.28 -18.12
C ASP A 423 -10.46 27.82 -17.67
N PHE A 424 -10.18 27.63 -16.37
CA PHE A 424 -10.03 26.30 -15.73
C PHE A 424 -11.23 25.42 -16.06
N PRO A 425 -12.49 25.87 -15.88
CA PRO A 425 -13.64 25.00 -16.10
C PRO A 425 -13.70 24.48 -17.53
N ALA A 426 -13.48 25.34 -18.53
CA ALA A 426 -13.48 24.95 -19.96
C ALA A 426 -12.37 23.91 -20.20
N MET A 427 -11.19 24.08 -19.60
CA MET A 427 -10.06 23.14 -19.80
C MET A 427 -10.52 21.73 -19.41
N VAL A 428 -11.16 21.60 -18.25
CA VAL A 428 -11.52 20.28 -17.68
C VAL A 428 -12.67 19.65 -18.49
N GLN A 429 -13.63 20.47 -18.94
CA GLN A 429 -14.76 20.04 -19.81
C GLN A 429 -14.19 19.51 -21.13
N GLU A 430 -13.21 20.22 -21.70
CA GLU A 430 -12.53 19.81 -22.96
C GLU A 430 -11.81 18.48 -22.73
N LEU A 431 -11.12 18.32 -21.60
CA LEU A 431 -10.43 17.02 -21.33
C LEU A 431 -11.48 15.92 -21.41
N HIS A 432 -12.63 16.13 -20.76
CA HIS A 432 -13.75 15.14 -20.72
C HIS A 432 -14.29 14.89 -22.13
N GLN A 433 -14.44 15.93 -22.95
CA GLN A 433 -14.96 15.76 -24.33
C GLN A 433 -14.04 14.82 -25.10
N GLY A 434 -12.73 14.85 -24.83
CA GLY A 434 -11.72 14.01 -25.51
C GLY A 434 -11.57 12.62 -24.90
N GLY A 435 -12.26 12.33 -23.80
CA GLY A 435 -12.27 10.98 -23.19
C GLY A 435 -11.21 10.80 -22.11
N ARG A 436 -10.74 11.92 -21.54
CA ARG A 436 -9.73 11.94 -20.45
C ARG A 436 -10.38 12.40 -19.14
N ARG A 437 -9.70 12.15 -18.03
CA ARG A 437 -10.11 12.62 -16.69
C ARG A 437 -9.09 13.63 -16.19
N TYR A 438 -9.44 14.29 -15.09
CA TYR A 438 -8.67 15.41 -14.50
C TYR A 438 -8.56 15.21 -12.99
N MET A 439 -7.36 15.40 -12.46
CA MET A 439 -7.03 15.31 -11.02
C MET A 439 -6.33 16.61 -10.60
N MET A 440 -6.55 17.06 -9.37
CA MET A 440 -5.72 18.19 -8.88
C MET A 440 -5.43 18.03 -7.39
N ILE A 441 -4.38 18.70 -6.95
CA ILE A 441 -3.90 18.63 -5.55
C ILE A 441 -4.89 19.38 -4.66
N VAL A 442 -5.13 18.79 -3.48
CA VAL A 442 -5.87 19.41 -2.36
C VAL A 442 -4.97 19.26 -1.12
N ASP A 443 -4.73 20.36 -0.43
CA ASP A 443 -4.01 20.38 0.87
C ASP A 443 -5.05 20.35 1.98
N PRO A 444 -4.73 19.85 3.19
CA PRO A 444 -5.72 19.84 4.26
C PRO A 444 -5.93 21.23 4.89
N ALA A 445 -4.84 21.98 5.05
CA ALA A 445 -4.81 23.23 5.84
C ALA A 445 -5.48 24.35 5.04
N ILE A 446 -6.26 25.17 5.73
CA ILE A 446 -7.13 26.21 5.14
C ILE A 446 -6.59 27.59 5.55
N SER A 447 -6.32 28.45 4.56
CA SER A 447 -5.86 29.83 4.77
C SER A 447 -6.77 30.52 5.80
N SER A 448 -6.18 31.04 6.87
CA SER A 448 -6.88 31.67 8.03
C SER A 448 -6.68 33.20 8.04
N SER A 449 -5.96 33.77 7.06
CA SER A 449 -5.46 35.17 7.16
C SER A 449 -6.27 36.10 6.25
N GLY A 450 -7.22 35.58 5.47
CA GLY A 450 -7.96 36.39 4.48
C GLY A 450 -8.97 37.28 5.19
N PRO A 451 -9.36 38.44 4.62
CA PRO A 451 -10.41 39.24 5.24
C PRO A 451 -11.64 38.37 5.53
N ALA A 452 -12.26 38.57 6.69
CA ALA A 452 -13.52 37.90 7.09
C ALA A 452 -14.53 38.05 5.95
N GLY A 453 -15.20 36.95 5.57
CA GLY A 453 -16.28 36.95 4.58
C GLY A 453 -15.76 36.82 3.16
N SER A 454 -14.45 36.75 2.97
CA SER A 454 -13.80 36.76 1.63
C SER A 454 -13.34 35.37 1.20
N TYR A 455 -13.41 34.33 2.03
CA TYR A 455 -12.86 32.99 1.69
C TYR A 455 -13.68 31.92 2.42
N ARG A 456 -14.70 31.42 1.72
CA ARG A 456 -15.80 30.58 2.28
C ARG A 456 -15.24 29.37 3.03
N PRO A 457 -14.25 28.62 2.52
CA PRO A 457 -13.78 27.43 3.22
C PRO A 457 -13.38 27.72 4.67
N TYR A 458 -12.63 28.80 4.88
CA TYR A 458 -12.25 29.26 6.25
C TYR A 458 -13.49 29.80 6.96
N ASP A 459 -14.22 30.73 6.34
CA ASP A 459 -15.34 31.47 7.00
C ASP A 459 -16.39 30.44 7.45
N GLU A 460 -16.75 29.50 6.59
CA GLU A 460 -17.73 28.43 6.90
C GLU A 460 -17.13 27.45 7.92
N GLY A 461 -15.84 27.11 7.78
CA GLY A 461 -15.13 26.22 8.73
C GLY A 461 -15.18 26.78 10.14
N LEU A 462 -14.95 28.09 10.26
CA LEU A 462 -14.99 28.82 11.55
C LEU A 462 -16.40 28.73 12.14
N ARG A 463 -17.40 29.01 11.33
CA ARG A 463 -18.82 29.01 11.74
C ARG A 463 -19.17 27.63 12.33
N ARG A 464 -18.73 26.54 11.67
CA ARG A 464 -19.21 25.17 12.00
C ARG A 464 -18.26 24.47 12.98
N GLY A 465 -17.16 25.10 13.39
CA GLY A 465 -16.21 24.55 14.39
C GLY A 465 -15.47 23.33 13.85
N VAL A 466 -15.00 23.38 12.61
CA VAL A 466 -14.41 22.20 11.91
C VAL A 466 -12.92 22.05 12.25
N PHE A 467 -12.25 23.06 12.80
CA PHE A 467 -10.77 23.03 12.90
C PHE A 467 -10.31 22.43 14.22
N ILE A 468 -9.10 21.83 14.20
CA ILE A 468 -8.32 21.43 15.40
C ILE A 468 -8.08 22.68 16.25
N THR A 469 -8.36 22.61 17.55
CA THR A 469 -8.29 23.80 18.45
C THR A 469 -7.17 23.63 19.46
N ASN A 470 -6.77 24.75 20.07
CA ASN A 470 -5.71 24.79 21.08
C ASN A 470 -6.33 24.95 22.47
N GLU A 471 -5.48 25.18 23.47
CA GLU A 471 -5.82 25.25 24.92
C GLU A 471 -7.05 26.13 25.14
N THR A 472 -7.11 27.28 24.47
CA THR A 472 -8.13 28.32 24.72
C THR A 472 -9.37 28.10 23.86
N GLY A 473 -9.41 27.05 23.04
CA GLY A 473 -10.57 26.67 22.22
C GLY A 473 -10.56 27.33 20.85
N GLN A 474 -9.52 28.07 20.52
CA GLN A 474 -9.40 28.75 19.20
C GLN A 474 -8.66 27.85 18.23
N PRO A 475 -8.83 28.08 16.91
CA PRO A 475 -8.15 27.25 15.91
C PRO A 475 -6.63 27.32 16.08
N LEU A 476 -5.99 26.15 16.01
CA LEU A 476 -4.52 26.09 15.97
C LEU A 476 -4.09 26.58 14.60
N ILE A 477 -3.18 27.56 14.58
CA ILE A 477 -2.73 28.22 13.33
C ILE A 477 -1.29 27.81 13.08
N GLY A 478 -1.07 27.18 11.93
CA GLY A 478 0.29 26.82 11.47
C GLY A 478 0.61 27.60 10.21
N LYS A 479 1.62 27.15 9.47
CA LYS A 479 2.04 27.75 8.19
C LYS A 479 2.16 26.64 7.14
N VAL A 480 1.50 26.83 6.00
CA VAL A 480 1.73 25.95 4.82
C VAL A 480 1.67 26.88 3.60
N TRP A 481 1.33 26.38 2.42
CA TRP A 481 1.53 27.12 1.15
C TRP A 481 0.87 28.48 1.15
N PRO A 482 -0.37 28.66 1.65
CA PRO A 482 -1.03 29.96 1.51
C PRO A 482 -0.56 30.97 2.57
N GLY A 483 0.28 30.54 3.51
CA GLY A 483 0.66 31.32 4.71
C GLY A 483 0.04 30.72 5.96
N SER A 484 -0.55 31.54 6.84
CA SER A 484 -1.20 31.10 8.10
C SER A 484 -2.38 30.19 7.76
N THR A 485 -2.51 29.05 8.43
CA THR A 485 -3.57 28.06 8.13
C THR A 485 -4.12 27.42 9.39
N ALA A 486 -5.41 27.11 9.39
CA ALA A 486 -6.10 26.25 10.37
C ALA A 486 -6.12 24.82 9.80
N PHE A 487 -6.26 23.80 10.65
CA PHE A 487 -6.18 22.37 10.23
C PHE A 487 -7.52 21.69 10.47
N PRO A 488 -8.25 21.27 9.41
CA PRO A 488 -9.50 20.56 9.62
C PRO A 488 -9.30 19.34 10.53
N ASP A 489 -10.30 19.10 11.37
CA ASP A 489 -10.42 17.91 12.24
C ASP A 489 -11.36 16.90 11.56
N PHE A 490 -10.80 15.94 10.82
CA PHE A 490 -11.61 14.93 10.08
C PHE A 490 -12.07 13.80 11.01
N THR A 491 -12.01 13.96 12.35
CA THR A 491 -12.78 13.07 13.29
C THR A 491 -14.09 13.76 13.67
N ASN A 492 -14.28 15.02 13.30
CA ASN A 492 -15.48 15.79 13.65
C ASN A 492 -16.52 15.53 12.57
N PRO A 493 -17.70 14.92 12.87
CA PRO A 493 -18.74 14.70 11.87
C PRO A 493 -19.13 16.00 11.14
N THR A 494 -19.13 17.14 11.84
CA THR A 494 -19.47 18.45 11.20
C THR A 494 -18.40 18.84 10.18
N ALA A 495 -17.12 18.57 10.46
CA ALA A 495 -16.01 18.78 9.49
C ALA A 495 -16.24 17.93 8.24
N LEU A 496 -16.72 16.70 8.38
CA LEU A 496 -17.02 15.81 7.23
C LEU A 496 -18.10 16.47 6.35
N ALA A 497 -19.15 17.03 6.95
CA ALA A 497 -20.24 17.73 6.24
C ALA A 497 -19.67 18.98 5.52
N TRP A 498 -18.82 19.73 6.21
CA TRP A 498 -18.17 20.94 5.64
C TRP A 498 -17.27 20.53 4.45
N TRP A 499 -16.54 19.44 4.58
CA TRP A 499 -15.60 18.99 3.52
C TRP A 499 -16.42 18.57 2.30
N GLU A 500 -17.50 17.82 2.53
CA GLU A 500 -18.43 17.40 1.45
C GLU A 500 -18.96 18.64 0.70
N ASP A 501 -19.39 19.67 1.43
CA ASP A 501 -19.95 20.91 0.82
C ASP A 501 -18.85 21.62 0.00
N MET A 502 -17.64 21.79 0.55
CA MET A 502 -16.54 22.52 -0.15
C MET A 502 -16.16 21.76 -1.43
N VAL A 503 -16.09 20.44 -1.36
CA VAL A 503 -15.77 19.59 -2.54
C VAL A 503 -16.91 19.68 -3.57
N ALA A 504 -18.17 19.51 -3.16
CA ALA A 504 -19.33 19.59 -4.08
C ALA A 504 -19.40 20.96 -4.73
N GLU A 505 -19.23 22.05 -3.97
CA GLU A 505 -19.35 23.42 -4.53
C GLU A 505 -18.21 23.66 -5.53
N PHE A 506 -16.98 23.26 -5.20
CA PHE A 506 -15.83 23.45 -6.12
C PHE A 506 -16.08 22.60 -7.37
N HIS A 507 -16.61 21.39 -7.22
CA HIS A 507 -16.91 20.48 -8.37
C HIS A 507 -17.99 21.09 -9.27
N ASP A 508 -18.93 21.88 -8.74
CA ASP A 508 -19.94 22.62 -9.55
C ASP A 508 -19.26 23.67 -10.43
N GLN A 509 -18.10 24.20 -10.02
CA GLN A 509 -17.29 25.14 -10.82
C GLN A 509 -16.40 24.39 -11.82
N VAL A 510 -15.71 23.34 -11.37
CA VAL A 510 -14.68 22.60 -12.17
C VAL A 510 -14.91 21.11 -11.93
N PRO A 511 -15.39 20.34 -12.93
CA PRO A 511 -15.79 18.94 -12.70
C PRO A 511 -14.58 18.00 -12.66
N PHE A 512 -13.75 18.14 -11.61
CA PHE A 512 -12.57 17.26 -11.37
C PHE A 512 -13.05 15.84 -11.04
N ASP A 513 -12.21 14.83 -11.32
CA ASP A 513 -12.63 13.40 -11.34
C ASP A 513 -12.10 12.66 -10.11
N GLY A 514 -11.28 13.32 -9.30
CA GLY A 514 -10.81 12.78 -8.02
C GLY A 514 -10.03 13.82 -7.24
N MET A 515 -9.33 13.39 -6.19
CA MET A 515 -8.57 14.28 -5.30
C MET A 515 -7.22 13.66 -4.98
N TRP A 516 -6.18 14.45 -5.24
CA TRP A 516 -4.79 14.18 -4.83
C TRP A 516 -4.58 14.88 -3.49
N ILE A 517 -4.66 14.13 -2.39
CA ILE A 517 -4.57 14.74 -1.03
C ILE A 517 -3.14 14.61 -0.51
N ASP A 518 -2.46 15.76 -0.49
CA ASP A 518 -1.04 15.94 -0.12
C ASP A 518 -0.95 16.50 1.31
N MET A 519 0.23 16.45 1.92
CA MET A 519 0.61 17.24 3.13
C MET A 519 -0.28 16.88 4.33
N ASN A 520 -0.76 15.64 4.40
CA ASN A 520 -1.82 15.24 5.36
C ASN A 520 -1.25 14.32 6.44
N GLU A 521 -0.02 14.62 6.85
CA GLU A 521 0.64 13.99 8.00
C GLU A 521 0.00 14.38 9.34
N PRO A 522 -0.49 15.61 9.61
CA PRO A 522 -0.43 16.79 8.75
C PRO A 522 0.90 17.55 8.82
N SER A 523 1.34 18.07 7.68
CA SER A 523 2.65 18.75 7.50
C SER A 523 2.50 20.24 7.87
N ASN A 524 3.45 20.73 8.65
CA ASN A 524 3.48 22.14 9.12
C ASN A 524 4.88 22.70 8.80
N PHE A 525 4.96 23.87 8.17
CA PHE A 525 6.23 24.55 7.80
C PHE A 525 6.94 25.06 9.07
N ILE A 526 6.22 25.21 10.17
CA ILE A 526 6.81 25.65 11.47
C ILE A 526 6.51 24.57 12.52
N ARG A 527 7.12 24.69 13.69
CA ARG A 527 7.02 23.67 14.76
CA ARG A 527 7.02 23.67 14.76
C ARG A 527 5.74 23.92 15.58
N GLY A 528 4.77 23.01 15.47
CA GLY A 528 3.56 23.03 16.32
C GLY A 528 2.52 24.04 15.85
N SER A 529 2.77 25.32 16.10
CA SER A 529 1.87 26.44 15.74
C SER A 529 2.65 27.75 15.74
N GLU A 530 2.02 28.79 15.20
CA GLU A 530 2.55 30.19 15.20
C GLU A 530 2.85 30.60 16.65
N ASP A 531 2.13 30.01 17.60
CA ASP A 531 2.13 30.35 19.05
C ASP A 531 2.89 29.30 19.84
N GLY A 532 3.73 28.50 19.17
CA GLY A 532 4.37 27.31 19.77
C GLY A 532 3.35 26.39 20.44
N CYS A 533 3.79 25.60 21.41
CA CYS A 533 2.92 24.61 22.09
C CYS A 533 3.10 24.79 23.59
N PRO A 534 2.09 24.44 24.41
CA PRO A 534 2.25 24.48 25.86
C PRO A 534 3.25 23.43 26.38
N ASN A 535 3.64 23.57 27.65
CA ASN A 535 4.54 22.61 28.31
C ASN A 535 3.65 21.62 29.06
N ASN A 536 3.45 20.42 28.52
CA ASN A 536 2.66 19.36 29.21
C ASN A 536 3.21 18.00 28.79
N GLU A 537 2.70 16.93 29.39
CA GLU A 537 3.17 15.54 29.24
C GLU A 537 2.90 15.01 27.83
N LEU A 538 1.95 15.58 27.08
CA LEU A 538 1.66 15.14 25.68
C LEU A 538 2.73 15.72 24.75
N GLU A 539 3.07 17.00 24.94
CA GLU A 539 4.10 17.71 24.12
C GLU A 539 5.48 17.16 24.48
N ASN A 540 5.69 16.82 25.75
CA ASN A 540 7.00 16.38 26.31
C ASN A 540 6.81 15.07 27.04
N PRO A 541 6.63 13.93 26.32
CA PRO A 541 6.27 12.66 26.95
C PRO A 541 7.48 11.93 27.52
N PRO A 542 7.28 10.97 28.44
CA PRO A 542 8.40 10.35 29.15
C PRO A 542 9.22 9.45 28.23
N TYR A 543 8.63 8.99 27.13
CA TYR A 543 9.36 8.24 26.09
C TYR A 543 9.05 8.88 24.73
N VAL A 544 10.08 9.38 24.06
CA VAL A 544 9.93 9.95 22.69
C VAL A 544 10.49 8.93 21.71
N PRO A 545 9.63 8.34 20.83
CA PRO A 545 10.11 7.39 19.84
C PRO A 545 11.19 8.04 18.93
N GLY A 546 11.84 7.24 18.09
CA GLY A 546 13.01 7.64 17.28
C GLY A 546 12.59 8.52 16.10
N VAL A 547 11.78 9.54 16.33
CA VAL A 547 11.27 10.40 15.23
C VAL A 547 12.39 11.36 14.76
N VAL A 548 12.40 11.68 13.48
CA VAL A 548 13.30 12.74 12.92
C VAL A 548 12.95 14.05 13.62
N GLY A 549 13.97 14.73 14.13
CA GLY A 549 13.84 16.01 14.85
C GLY A 549 13.70 15.80 16.34
N GLY A 550 13.47 14.55 16.78
CA GLY A 550 13.49 14.18 18.21
C GLY A 550 12.36 14.79 19.03
N THR A 551 11.26 15.20 18.39
CA THR A 551 10.03 15.69 19.06
C THR A 551 8.81 15.27 18.22
N LEU A 552 7.67 15.05 18.87
CA LEU A 552 6.35 14.84 18.22
C LEU A 552 5.90 16.10 17.45
N GLN A 553 6.40 17.30 17.79
CA GLN A 553 5.95 18.58 17.17
CA GLN A 553 5.96 18.58 17.18
C GLN A 553 6.65 18.79 15.82
N ALA A 554 7.81 18.18 15.59
CA ALA A 554 8.65 18.51 14.41
C ALA A 554 7.85 18.29 13.12
N ALA A 555 7.76 19.34 12.29
CA ALA A 555 7.12 19.37 10.96
C ALA A 555 5.62 19.10 11.06
N THR A 556 5.01 19.31 12.23
CA THR A 556 3.55 19.04 12.39
C THR A 556 2.96 19.96 13.45
N ILE A 557 1.78 19.63 13.97
CA ILE A 557 1.03 20.53 14.89
C ILE A 557 1.21 20.02 16.31
N CYS A 558 0.84 20.84 17.29
CA CYS A 558 0.97 20.49 18.72
C CYS A 558 0.27 19.14 19.01
N ALA A 559 0.91 18.30 19.81
CA ALA A 559 0.43 16.99 20.28
C ALA A 559 -0.77 17.16 21.23
N SER A 560 -0.90 18.27 21.96
CA SER A 560 -1.97 18.45 22.96
C SER A 560 -3.14 19.21 22.34
N SER A 561 -3.07 19.52 21.04
CA SER A 561 -4.21 20.10 20.28
C SER A 561 -5.42 19.16 20.33
N HIS A 562 -6.63 19.74 20.26
CA HIS A 562 -7.93 19.07 20.49
C HIS A 562 -8.59 18.71 19.15
N GLN A 563 -9.03 17.47 19.05
CA GLN A 563 -9.90 16.95 17.97
C GLN A 563 -11.16 16.41 18.65
N PHE A 564 -12.19 16.17 17.86
CA PHE A 564 -13.52 15.72 18.34
C PHE A 564 -13.37 14.42 19.16
N LEU A 565 -12.58 13.45 18.69
CA LEU A 565 -12.53 12.11 19.32
C LEU A 565 -11.47 12.08 20.43
N SER A 566 -10.41 12.88 20.33
CA SER A 566 -9.29 12.82 21.29
C SER A 566 -8.29 13.92 20.96
N THR A 567 -7.17 13.91 21.66
CA THR A 567 -6.02 14.81 21.41
C THR A 567 -5.29 14.34 20.14
N HIS A 568 -4.55 15.23 19.51
CA HIS A 568 -3.74 14.94 18.30
C HIS A 568 -2.68 13.90 18.66
N TYR A 569 -2.25 13.89 19.91
CA TYR A 569 -1.30 12.89 20.44
C TYR A 569 -1.76 11.49 20.05
N ASN A 570 -3.03 11.17 20.28
CA ASN A 570 -3.60 9.82 20.01
C ASN A 570 -3.95 9.65 18.53
N LEU A 571 -4.26 10.73 17.80
CA LEU A 571 -4.96 10.71 16.49
C LEU A 571 -4.01 11.05 15.34
N HIS A 572 -2.81 11.54 15.64
CA HIS A 572 -1.87 12.06 14.62
C HIS A 572 -1.75 11.05 13.48
N ASN A 573 -1.50 9.77 13.78
CA ASN A 573 -1.19 8.76 12.73
C ASN A 573 -2.44 8.46 11.89
N LEU A 574 -3.65 8.89 12.31
CA LEU A 574 -4.90 8.72 11.52
C LEU A 574 -5.23 9.97 10.69
N TYR A 575 -4.48 11.06 10.79
CA TYR A 575 -4.88 12.33 10.15
C TYR A 575 -5.16 12.09 8.67
N GLY A 576 -4.17 11.54 7.96
CA GLY A 576 -4.26 11.25 6.51
C GLY A 576 -5.41 10.30 6.21
N LEU A 577 -5.52 9.19 6.95
CA LEU A 577 -6.61 8.22 6.75
C LEU A 577 -7.97 8.93 6.88
N THR A 578 -8.19 9.70 7.94
CA THR A 578 -9.50 10.37 8.21
C THR A 578 -9.81 11.35 7.07
N GLU A 579 -8.81 12.04 6.53
CA GLU A 579 -9.02 12.91 5.36
C GLU A 579 -9.43 12.04 4.16
N ALA A 580 -8.79 10.88 4.00
CA ALA A 580 -9.03 9.97 2.85
C ALA A 580 -10.47 9.47 2.94
N ILE A 581 -10.93 9.12 4.15
CA ILE A 581 -12.36 8.71 4.36
C ILE A 581 -13.28 9.87 4.01
N ALA A 582 -12.98 11.10 4.48
CA ALA A 582 -13.78 12.32 4.25
C ALA A 582 -13.88 12.60 2.74
N SER A 583 -12.77 12.45 2.02
CA SER A 583 -12.63 12.77 0.59
C SER A 583 -13.35 11.72 -0.26
N HIS A 584 -13.18 10.44 0.07
CA HIS A 584 -13.94 9.30 -0.53
C HIS A 584 -15.44 9.60 -0.47
N ARG A 585 -16.02 9.86 0.72
CA ARG A 585 -17.46 10.18 0.87
C ARG A 585 -17.80 11.45 0.07
N ALA A 586 -16.99 12.51 0.13
CA ALA A 586 -17.27 13.79 -0.57
C ALA A 586 -17.40 13.53 -2.08
N LEU A 587 -16.54 12.68 -2.63
CA LEU A 587 -16.47 12.43 -4.09
C LEU A 587 -17.65 11.56 -4.52
N VAL A 588 -18.05 10.60 -3.68
CA VAL A 588 -19.25 9.77 -3.92
C VAL A 588 -20.47 10.70 -4.01
N LYS A 589 -20.62 11.64 -3.06
CA LYS A 589 -21.79 12.54 -3.00
C LYS A 589 -21.71 13.53 -4.16
N ALA A 590 -20.51 13.99 -4.53
CA ALA A 590 -20.38 15.05 -5.55
C ALA A 590 -20.58 14.47 -6.94
N ARG A 591 -20.14 13.23 -7.22
CA ARG A 591 -20.06 12.71 -8.60
C ARG A 591 -20.99 11.51 -8.82
N GLY A 592 -21.38 10.77 -7.79
CA GLY A 592 -22.32 9.63 -7.95
C GLY A 592 -21.69 8.41 -8.61
N THR A 593 -20.37 8.42 -8.82
CA THR A 593 -19.58 7.23 -9.27
C THR A 593 -18.41 6.97 -8.30
N ARG A 594 -17.66 5.89 -8.54
CA ARG A 594 -16.50 5.48 -7.69
C ARG A 594 -15.53 6.64 -7.48
N PRO A 595 -15.09 6.85 -6.22
CA PRO A 595 -14.09 7.87 -5.93
C PRO A 595 -12.69 7.42 -6.34
N PHE A 596 -11.85 8.40 -6.63
CA PHE A 596 -10.42 8.21 -6.93
C PHE A 596 -9.60 9.18 -6.07
N VAL A 597 -9.09 8.68 -4.95
CA VAL A 597 -8.31 9.44 -3.94
C VAL A 597 -6.91 8.85 -3.90
N ILE A 598 -5.90 9.71 -4.08
CA ILE A 598 -4.47 9.34 -3.92
C ILE A 598 -3.94 10.18 -2.76
N SER A 599 -3.46 9.52 -1.71
CA SER A 599 -3.07 10.16 -0.42
C SER A 599 -1.58 9.99 -0.16
N ARG A 600 -0.94 11.02 0.42
CA ARG A 600 0.46 10.87 0.86
C ARG A 600 0.48 10.09 2.18
N SER A 601 -0.16 10.62 3.22
CA SER A 601 -0.18 10.01 4.57
C SER A 601 -1.23 8.90 4.64
N THR A 602 -0.90 7.81 5.31
CA THR A 602 -1.78 6.62 5.41
C THR A 602 -1.64 5.98 6.80
N PHE A 603 -2.61 5.12 7.11
CA PHE A 603 -2.60 4.24 8.30
C PHE A 603 -3.20 2.90 7.87
N ALA A 604 -3.05 1.88 8.70
CA ALA A 604 -3.67 0.55 8.47
C ALA A 604 -5.15 0.72 8.08
N GLY A 605 -5.58 0.13 6.96
CA GLY A 605 -6.98 0.16 6.49
C GLY A 605 -7.23 1.27 5.48
N HIS A 606 -6.19 2.01 5.13
CA HIS A 606 -6.25 3.10 4.15
C HIS A 606 -6.78 2.58 2.80
N GLY A 607 -6.35 1.39 2.40
CA GLY A 607 -6.67 0.81 1.08
C GLY A 607 -8.16 0.63 0.85
N ARG A 608 -8.94 0.58 1.92
CA ARG A 608 -10.42 0.48 1.84
C ARG A 608 -10.98 1.75 1.17
N TYR A 609 -10.24 2.86 1.23
CA TYR A 609 -10.74 4.19 0.82
C TYR A 609 -9.94 4.78 -0.34
N ALA A 610 -8.64 4.48 -0.46
CA ALA A 610 -7.74 5.32 -1.27
C ALA A 610 -6.46 4.59 -1.66
N GLY A 611 -5.73 5.20 -2.60
CA GLY A 611 -4.38 4.78 -2.98
C GLY A 611 -3.33 5.65 -2.31
N HIS A 612 -2.10 5.54 -2.79
CA HIS A 612 -0.93 6.15 -2.13
C HIS A 612 0.15 6.32 -3.20
N TRP A 613 0.92 7.39 -3.13
CA TRP A 613 2.20 7.44 -3.87
C TRP A 613 3.29 7.65 -2.83
N THR A 614 4.53 7.22 -3.11
CA THR A 614 5.63 7.08 -2.11
C THR A 614 6.31 8.42 -1.84
N GLY A 615 5.84 9.52 -2.42
CA GLY A 615 6.25 10.87 -1.95
C GLY A 615 7.47 11.37 -2.69
N ASP A 616 8.32 12.15 -2.03
CA ASP A 616 9.34 13.01 -2.68
C ASP A 616 10.61 12.20 -2.94
N VAL A 617 10.52 11.19 -3.80
CA VAL A 617 11.69 10.34 -4.16
C VAL A 617 12.59 11.12 -5.11
N TRP A 618 13.89 11.05 -4.87
CA TRP A 618 14.92 11.58 -5.80
C TRP A 618 14.91 10.84 -7.12
N SER A 619 15.25 11.56 -8.19
CA SER A 619 15.49 10.96 -9.52
C SER A 619 16.88 10.31 -9.51
N SER A 620 16.96 9.12 -8.92
CA SER A 620 18.22 8.36 -8.74
C SER A 620 17.97 6.89 -9.01
N TRP A 621 19.01 6.16 -9.40
CA TRP A 621 18.96 4.69 -9.61
C TRP A 621 18.60 3.99 -8.28
N GLU A 622 19.10 4.52 -7.17
CA GLU A 622 18.83 3.99 -5.81
C GLU A 622 17.31 4.05 -5.55
N GLN A 623 16.66 5.18 -5.84
CA GLN A 623 15.22 5.34 -5.53
C GLN A 623 14.40 4.50 -6.51
N LEU A 624 14.83 4.37 -7.77
CA LEU A 624 14.15 3.45 -8.71
C LEU A 624 14.15 2.06 -8.07
N ALA A 625 15.32 1.57 -7.66
CA ALA A 625 15.45 0.19 -7.11
C ALA A 625 14.59 0.06 -5.85
N SER A 626 14.62 1.06 -4.99
CA SER A 626 13.88 1.08 -3.70
C SER A 626 12.36 1.06 -3.90
N SER A 627 11.86 1.64 -5.00
CA SER A 627 10.40 1.72 -5.29
C SER A 627 9.83 0.30 -5.41
N VAL A 628 10.62 -0.72 -5.76
CA VAL A 628 10.04 -2.08 -5.95
C VAL A 628 9.66 -2.67 -4.60
N PRO A 629 10.60 -2.83 -3.63
CA PRO A 629 10.22 -3.29 -2.31
C PRO A 629 9.06 -2.46 -1.70
N GLU A 630 9.05 -1.14 -1.89
CA GLU A 630 8.02 -0.27 -1.26
C GLU A 630 6.63 -0.52 -1.88
N ILE A 631 6.56 -0.69 -3.20
CA ILE A 631 5.26 -0.96 -3.89
C ILE A 631 4.74 -2.33 -3.43
N LEU A 632 5.64 -3.32 -3.33
CA LEU A 632 5.27 -4.66 -2.80
C LEU A 632 4.78 -4.52 -1.35
N GLN A 633 5.48 -3.76 -0.53
CA GLN A 633 5.12 -3.63 0.91
C GLN A 633 3.70 -3.11 1.04
N PHE A 634 3.32 -2.07 0.27
CA PHE A 634 1.97 -1.45 0.35
C PHE A 634 0.90 -2.43 -0.15
N ASN A 635 1.26 -3.31 -1.08
CA ASN A 635 0.32 -4.37 -1.54
C ASN A 635 0.05 -5.35 -0.39
N LEU A 636 1.09 -5.73 0.37
CA LEU A 636 0.92 -6.65 1.53
C LEU A 636 0.03 -5.96 2.57
N LEU A 637 0.00 -4.63 2.57
CA LEU A 637 -0.70 -3.83 3.62
C LEU A 637 -2.10 -3.42 3.15
N GLY A 638 -2.54 -3.97 2.01
CA GLY A 638 -3.90 -3.76 1.48
C GLY A 638 -4.07 -2.39 0.83
N VAL A 639 -2.98 -1.79 0.35
CA VAL A 639 -3.02 -0.53 -0.46
C VAL A 639 -2.44 -0.86 -1.82
N PRO A 640 -3.11 -1.71 -2.63
CA PRO A 640 -2.58 -2.13 -3.92
C PRO A 640 -2.46 -0.99 -4.93
N LEU A 641 -3.29 0.06 -4.80
CA LEU A 641 -3.23 1.21 -5.72
C LEU A 641 -2.09 2.12 -5.26
N VAL A 642 -0.85 1.75 -5.63
CA VAL A 642 0.38 2.42 -5.12
C VAL A 642 1.39 2.51 -6.27
N GLY A 643 2.21 3.56 -6.24
CA GLY A 643 3.37 3.74 -7.11
C GLY A 643 4.30 4.81 -6.59
N ALA A 644 5.40 5.01 -7.31
CA ALA A 644 6.33 6.12 -7.12
C ALA A 644 6.19 7.03 -8.33
N ASP A 645 6.56 8.30 -8.16
CA ASP A 645 6.66 9.31 -9.25
C ASP A 645 7.60 8.73 -10.32
N VAL A 646 7.05 8.36 -11.45
CA VAL A 646 7.84 7.73 -12.55
C VAL A 646 8.89 8.73 -13.06
N CYS A 647 10.16 8.30 -13.11
CA CYS A 647 11.39 9.08 -13.42
C CYS A 647 11.86 9.89 -12.22
N GLY A 648 11.16 9.78 -11.08
CA GLY A 648 11.56 10.45 -9.84
C GLY A 648 11.05 11.87 -9.76
N PHE A 649 10.93 12.38 -8.52
CA PHE A 649 10.32 13.69 -8.23
C PHE A 649 11.39 14.78 -8.06
N LEU A 650 12.27 14.65 -7.05
CA LEU A 650 13.29 15.67 -6.72
C LEU A 650 14.47 15.55 -7.71
N GLY A 651 15.12 16.66 -8.01
CA GLY A 651 16.32 16.66 -8.86
C GLY A 651 15.97 16.46 -10.32
N ASN A 652 16.97 16.14 -11.14
CA ASN A 652 16.84 16.05 -12.62
C ASN A 652 17.03 14.59 -12.97
N THR A 653 16.08 14.02 -13.67
CA THR A 653 16.21 12.64 -14.22
C THR A 653 17.23 12.66 -15.37
N SER A 654 17.75 11.51 -15.75
CA SER A 654 18.52 11.32 -17.00
C SER A 654 17.63 10.57 -17.96
N GLU A 655 17.93 10.65 -19.25
CA GLU A 655 17.13 9.94 -20.28
C GLU A 655 17.16 8.45 -19.96
N GLU A 656 18.32 7.90 -19.65
CA GLU A 656 18.47 6.45 -19.37
C GLU A 656 17.64 6.11 -18.14
N LEU A 657 17.78 6.87 -17.04
CA LEU A 657 17.01 6.58 -15.80
C LEU A 657 15.50 6.59 -16.13
N CYS A 658 15.06 7.61 -16.86
CA CYS A 658 13.62 7.78 -17.21
C CYS A 658 13.14 6.65 -18.13
N VAL A 659 13.96 6.11 -19.03
CA VAL A 659 13.57 4.90 -19.81
C VAL A 659 13.34 3.71 -18.84
N ARG A 660 14.31 3.42 -17.99
CA ARG A 660 14.24 2.28 -17.04
C ARG A 660 13.08 2.49 -16.06
N TRP A 661 12.85 3.72 -15.62
CA TRP A 661 11.81 4.05 -14.62
C TRP A 661 10.44 3.94 -15.29
N THR A 662 10.32 4.32 -16.55
CA THR A 662 9.02 4.17 -17.25
C THR A 662 8.76 2.68 -17.47
N GLN A 663 9.77 1.91 -17.84
CA GLN A 663 9.62 0.46 -18.07
C GLN A 663 9.11 -0.18 -16.79
N LEU A 664 9.76 0.07 -15.65
CA LEU A 664 9.36 -0.60 -14.39
C LEU A 664 8.04 0.00 -13.90
N GLY A 665 7.90 1.31 -14.01
CA GLY A 665 6.76 2.07 -13.49
C GLY A 665 5.47 1.75 -14.23
N ALA A 666 5.56 1.24 -15.46
CA ALA A 666 4.41 0.71 -16.22
C ALA A 666 3.86 -0.55 -15.53
N PHE A 667 4.59 -1.09 -14.55
CA PHE A 667 4.12 -2.23 -13.71
C PHE A 667 3.80 -1.79 -12.26
N TYR A 668 3.80 -0.48 -11.95
CA TYR A 668 3.18 0.04 -10.71
C TYR A 668 1.66 -0.03 -10.88
N PRO A 669 0.89 -0.54 -9.90
CA PRO A 669 -0.57 -0.57 -10.07
C PRO A 669 -1.12 0.85 -10.27
N PHE A 670 -0.48 1.85 -9.64
CA PHE A 670 -0.75 3.29 -9.88
C PHE A 670 0.46 3.88 -10.61
N MET A 671 0.23 4.37 -11.83
CA MET A 671 1.30 4.84 -12.74
C MET A 671 1.13 6.33 -13.04
N ARG A 672 1.95 7.14 -12.39
CA ARG A 672 1.96 8.61 -12.54
C ARG A 672 3.41 9.06 -12.65
N ASN A 673 3.68 9.88 -13.64
CA ASN A 673 4.94 10.63 -13.82
C ASN A 673 4.66 12.03 -13.26
N HIS A 674 5.38 12.39 -12.21
CA HIS A 674 5.23 13.67 -11.48
C HIS A 674 6.63 14.23 -11.24
N ASN A 675 6.74 15.56 -11.18
CA ASN A 675 8.04 16.26 -11.32
C ASN A 675 7.98 17.55 -10.51
N SER A 676 9.10 17.93 -9.90
CA SER A 676 9.18 19.11 -9.00
C SER A 676 9.28 20.37 -9.84
N LEU A 677 9.07 21.51 -9.20
CA LEU A 677 9.01 22.86 -9.82
C LEU A 677 10.32 23.17 -10.55
N LEU A 678 11.47 22.90 -9.92
CA LEU A 678 12.79 23.39 -10.40
C LEU A 678 13.45 22.35 -11.30
N SER A 679 12.78 21.23 -11.57
CA SER A 679 13.33 20.09 -12.36
C SER A 679 13.26 20.37 -13.88
N LEU A 680 14.21 19.81 -14.62
CA LEU A 680 14.12 19.69 -16.10
C LEU A 680 12.91 18.83 -16.46
N PRO A 681 12.26 19.06 -17.62
CA PRO A 681 11.05 18.34 -17.98
C PRO A 681 11.31 16.84 -18.08
N GLN A 682 10.32 16.01 -17.81
CA GLN A 682 10.47 14.54 -17.96
C GLN A 682 9.20 13.90 -18.52
N GLU A 683 8.38 14.63 -19.29
CA GLU A 683 7.24 14.00 -20.00
C GLU A 683 7.83 13.06 -21.07
N PRO A 684 7.19 11.91 -21.38
CA PRO A 684 7.70 11.01 -22.40
C PRO A 684 8.13 11.72 -23.71
N TYR A 685 7.36 12.74 -24.15
CA TYR A 685 7.62 13.43 -25.44
C TYR A 685 8.85 14.33 -25.38
N SER A 686 9.44 14.57 -24.21
CA SER A 686 10.56 15.53 -24.04
C SER A 686 11.92 14.85 -24.26
N PHE A 687 11.97 13.56 -24.59
CA PHE A 687 13.24 12.79 -24.74
C PHE A 687 13.58 12.53 -26.22
N SER A 688 14.74 11.92 -26.46
CA SER A 688 15.20 11.49 -27.81
C SER A 688 14.22 10.49 -28.42
N GLU A 689 14.34 10.27 -29.73
CA GLU A 689 13.45 9.39 -30.50
C GLU A 689 13.53 7.97 -29.94
N PRO A 690 14.73 7.38 -29.72
CA PRO A 690 14.81 6.01 -29.22
C PRO A 690 14.22 5.88 -27.80
N ALA A 691 14.40 6.91 -26.97
CA ALA A 691 13.87 6.94 -25.58
C ALA A 691 12.34 7.00 -25.64
N GLN A 692 11.79 7.80 -26.56
CA GLN A 692 10.32 7.91 -26.81
C GLN A 692 9.76 6.54 -27.23
N GLN A 693 10.40 5.85 -28.17
CA GLN A 693 9.98 4.51 -28.63
C GLN A 693 9.89 3.55 -27.43
N ALA A 694 10.92 3.52 -26.58
CA ALA A 694 10.96 2.61 -25.41
C ALA A 694 9.84 2.97 -24.43
N MET A 695 9.62 4.26 -24.19
CA MET A 695 8.57 4.74 -23.24
C MET A 695 7.18 4.41 -23.82
N ARG A 696 7.00 4.62 -25.13
CA ARG A 696 5.72 4.36 -25.83
C ARG A 696 5.42 2.86 -25.76
N LYS A 697 6.43 2.01 -25.96
CA LYS A 697 6.27 0.54 -25.86
C LYS A 697 5.81 0.18 -24.44
N ALA A 698 6.40 0.78 -23.40
CA ALA A 698 6.04 0.48 -21.98
C ALA A 698 4.57 0.82 -21.73
N LEU A 699 4.11 1.95 -22.25
CA LEU A 699 2.71 2.41 -22.07
C LEU A 699 1.76 1.54 -22.89
N THR A 700 2.15 1.16 -24.11
CA THR A 700 1.34 0.30 -25.01
C THR A 700 1.09 -1.04 -24.32
N LEU A 701 2.14 -1.63 -23.76
CA LEU A 701 2.03 -2.95 -23.11
C LEU A 701 1.12 -2.82 -21.88
N ARG A 702 1.28 -1.77 -21.09
CA ARG A 702 0.42 -1.59 -19.89
C ARG A 702 -1.04 -1.46 -20.34
N TYR A 703 -1.31 -0.66 -21.38
CA TYR A 703 -2.71 -0.49 -21.88
C TYR A 703 -3.23 -1.84 -22.39
N ALA A 704 -2.40 -2.62 -23.08
CA ALA A 704 -2.82 -3.94 -23.60
C ALA A 704 -3.23 -4.83 -22.42
N LEU A 705 -2.60 -4.63 -21.26
CA LEU A 705 -2.77 -5.52 -20.07
C LEU A 705 -3.86 -5.02 -19.14
N LEU A 706 -4.47 -3.85 -19.44
CA LEU A 706 -5.42 -3.22 -18.49
C LEU A 706 -6.58 -4.16 -18.10
N PRO A 707 -7.21 -4.93 -19.01
CA PRO A 707 -8.31 -5.83 -18.58
C PRO A 707 -7.85 -6.82 -17.50
N HIS A 708 -6.60 -7.28 -17.62
CA HIS A 708 -5.93 -8.19 -16.66
C HIS A 708 -5.67 -7.44 -15.34
N LEU A 709 -5.08 -6.24 -15.40
CA LEU A 709 -4.79 -5.44 -14.18
C LEU A 709 -6.11 -5.13 -13.47
N TYR A 710 -7.15 -4.80 -14.24
CA TYR A 710 -8.51 -4.52 -13.70
C TYR A 710 -9.06 -5.75 -12.98
N THR A 711 -8.88 -6.94 -13.55
CA THR A 711 -9.34 -8.20 -12.94
C THR A 711 -8.56 -8.44 -11.64
N LEU A 712 -7.25 -8.15 -11.62
CA LEU A 712 -6.41 -8.31 -10.41
C LEU A 712 -6.95 -7.37 -9.32
N PHE A 713 -7.34 -6.13 -9.64
CA PHE A 713 -7.95 -5.21 -8.64
C PHE A 713 -9.28 -5.78 -8.16
N HIS A 714 -10.07 -6.41 -9.04
CA HIS A 714 -11.37 -7.02 -8.65
C HIS A 714 -11.10 -8.06 -7.56
N GLN A 715 -10.09 -8.92 -7.76
CA GLN A 715 -9.68 -9.98 -6.80
C GLN A 715 -9.20 -9.36 -5.48
N ALA A 716 -8.46 -8.26 -5.54
CA ALA A 716 -8.05 -7.50 -4.33
C ALA A 716 -9.31 -7.05 -3.61
N HIS A 717 -10.23 -6.44 -4.36
CA HIS A 717 -11.48 -5.86 -3.79
C HIS A 717 -12.41 -6.94 -3.22
N VAL A 718 -12.50 -8.12 -3.85
CA VAL A 718 -13.50 -9.14 -3.43
C VAL A 718 -12.89 -10.20 -2.49
N ALA A 719 -11.58 -10.45 -2.53
CA ALA A 719 -10.97 -11.60 -1.81
C ALA A 719 -9.72 -11.20 -1.01
N GLY A 720 -9.40 -9.91 -0.89
CA GLY A 720 -8.25 -9.45 -0.08
C GLY A 720 -6.93 -9.89 -0.68
N GLU A 721 -6.89 -10.07 -2.01
CA GLU A 721 -5.67 -10.46 -2.77
C GLU A 721 -4.78 -9.24 -2.96
N THR A 722 -3.49 -9.48 -3.25
CA THR A 722 -2.49 -8.47 -3.66
C THR A 722 -2.55 -8.36 -5.18
N VAL A 723 -2.19 -7.21 -5.74
CA VAL A 723 -2.11 -6.95 -7.20
C VAL A 723 -0.66 -7.12 -7.64
N ALA A 724 0.24 -6.30 -7.12
CA ALA A 724 1.70 -6.47 -7.27
C ALA A 724 2.19 -7.25 -6.04
N ARG A 725 2.81 -8.41 -6.26
CA ARG A 725 3.14 -9.31 -5.12
C ARG A 725 4.57 -9.80 -5.23
N PRO A 726 5.25 -9.98 -4.08
CA PRO A 726 6.61 -10.52 -4.08
C PRO A 726 6.57 -11.99 -4.49
N LEU A 727 7.69 -12.50 -5.00
CA LEU A 727 7.76 -13.94 -5.39
C LEU A 727 7.38 -14.82 -4.19
N PHE A 728 7.78 -14.45 -2.96
CA PHE A 728 7.60 -15.32 -1.77
C PHE A 728 6.11 -15.50 -1.45
N LEU A 729 5.23 -14.56 -1.86
CA LEU A 729 3.77 -14.71 -1.61
C LEU A 729 3.21 -15.81 -2.51
N GLU A 730 3.78 -15.98 -3.71
CA GLU A 730 3.26 -16.95 -4.70
C GLU A 730 3.99 -18.29 -4.57
N PHE A 731 5.25 -18.31 -4.12
CA PHE A 731 6.10 -19.53 -4.00
C PHE A 731 6.78 -19.55 -2.63
N PRO A 732 6.02 -19.43 -1.51
CA PRO A 732 6.60 -19.41 -0.18
C PRO A 732 7.43 -20.65 0.21
N LYS A 733 7.14 -21.82 -0.38
CA LYS A 733 7.83 -23.10 -0.09
C LYS A 733 9.20 -23.15 -0.77
N ASP A 734 9.52 -22.18 -1.63
CA ASP A 734 10.88 -22.03 -2.20
C ASP A 734 11.61 -20.92 -1.42
N SER A 735 12.43 -21.30 -0.44
CA SER A 735 13.10 -20.38 0.49
C SER A 735 13.98 -19.41 -0.28
N SER A 736 14.44 -19.76 -1.49
CA SER A 736 15.25 -18.84 -2.34
C SER A 736 14.46 -17.57 -2.68
N THR A 737 13.12 -17.59 -2.63
CA THR A 737 12.30 -16.40 -3.02
C THR A 737 12.26 -15.40 -1.87
N TRP A 738 12.57 -15.81 -0.64
CA TRP A 738 12.24 -15.01 0.57
C TRP A 738 12.86 -13.61 0.52
N THR A 739 14.10 -13.47 0.03
CA THR A 739 14.83 -12.17 0.00
C THR A 739 14.70 -11.48 -1.36
N VAL A 740 13.92 -12.01 -2.30
CA VAL A 740 13.74 -11.36 -3.62
C VAL A 740 12.76 -10.18 -3.47
N ASP A 741 13.23 -8.95 -3.72
CA ASP A 741 12.40 -7.72 -3.73
C ASP A 741 12.73 -6.80 -4.90
N HIS A 742 13.56 -7.20 -5.89
CA HIS A 742 13.87 -6.39 -7.10
C HIS A 742 13.21 -6.99 -8.35
N GLN A 743 12.43 -8.03 -8.15
CA GLN A 743 11.44 -8.55 -9.12
C GLN A 743 10.05 -8.39 -8.49
N LEU A 744 9.01 -8.34 -9.31
CA LEU A 744 7.61 -8.39 -8.82
C LEU A 744 6.75 -9.25 -9.74
N LEU A 745 5.69 -9.81 -9.19
CA LEU A 745 4.58 -10.43 -9.96
C LEU A 745 3.42 -9.45 -10.04
N TRP A 746 2.71 -9.51 -11.16
CA TRP A 746 1.28 -9.11 -11.19
C TRP A 746 0.48 -10.38 -11.02
N GLY A 747 -0.25 -10.48 -9.91
CA GLY A 747 -1.01 -11.68 -9.55
C GLY A 747 -0.11 -12.90 -9.52
N GLU A 748 -0.63 -14.03 -9.99
CA GLU A 748 0.04 -15.35 -9.93
C GLU A 748 1.01 -15.52 -11.10
N ALA A 749 0.80 -14.84 -12.23
CA ALA A 749 1.27 -15.33 -13.56
C ALA A 749 2.36 -14.45 -14.20
N LEU A 750 2.42 -13.15 -13.92
CA LEU A 750 3.28 -12.24 -14.71
C LEU A 750 4.49 -11.81 -13.88
N LEU A 751 5.68 -12.24 -14.31
CA LEU A 751 6.93 -12.01 -13.58
C LEU A 751 7.68 -10.88 -14.28
N ILE A 752 7.91 -9.78 -13.56
CA ILE A 752 8.64 -8.60 -14.09
C ILE A 752 10.04 -8.54 -13.45
N THR A 753 11.08 -8.51 -14.29
CA THR A 753 12.51 -8.48 -13.89
C THR A 753 13.17 -7.24 -14.50
N PRO A 754 13.07 -6.07 -13.83
CA PRO A 754 13.54 -4.81 -14.40
C PRO A 754 15.04 -4.66 -14.25
N VAL A 755 15.63 -3.91 -15.18
CA VAL A 755 16.96 -3.27 -14.99
C VAL A 755 16.78 -2.06 -14.07
N LEU A 756 17.59 -2.00 -13.00
CA LEU A 756 17.47 -1.01 -11.92
C LEU A 756 18.82 -0.30 -11.75
N GLN A 757 19.72 -0.43 -12.71
CA GLN A 757 21.09 0.13 -12.64
C GLN A 757 21.49 0.75 -13.99
N ALA A 758 22.27 1.82 -13.96
CA ALA A 758 22.80 2.49 -15.17
C ALA A 758 23.78 1.54 -15.87
N GLY A 759 23.77 1.53 -17.21
CA GLY A 759 24.83 0.96 -18.05
C GLY A 759 24.71 -0.54 -18.19
N LYS A 760 23.56 -1.11 -17.83
CA LYS A 760 23.29 -2.57 -17.87
C LYS A 760 22.56 -2.95 -19.15
N ALA A 761 22.98 -4.03 -19.82
CA ALA A 761 22.31 -4.58 -21.02
C ALA A 761 21.82 -5.99 -20.70
N GLU A 762 21.85 -6.35 -19.41
CA GLU A 762 21.30 -7.63 -18.93
C GLU A 762 20.89 -7.48 -17.47
N VAL A 763 20.14 -8.46 -16.99
CA VAL A 763 19.60 -8.50 -15.60
C VAL A 763 19.55 -9.96 -15.21
N THR A 764 19.93 -10.26 -13.97
CA THR A 764 19.86 -11.62 -13.40
C THR A 764 18.65 -11.65 -12.46
N GLY A 765 17.70 -12.56 -12.70
CA GLY A 765 16.47 -12.64 -11.89
C GLY A 765 16.16 -14.06 -11.50
N TYR A 766 15.44 -14.25 -10.40
CA TYR A 766 15.10 -15.60 -9.89
C TYR A 766 13.82 -16.08 -10.59
N PHE A 767 13.85 -17.32 -11.08
CA PHE A 767 12.73 -18.01 -11.76
C PHE A 767 12.32 -19.22 -10.95
N PRO A 768 11.16 -19.15 -10.26
CA PRO A 768 10.67 -20.31 -9.53
C PRO A 768 10.55 -21.50 -10.49
N LEU A 769 10.45 -22.71 -9.92
CA LEU A 769 10.32 -23.98 -10.65
C LEU A 769 9.11 -23.89 -11.59
N GLY A 770 9.31 -24.21 -12.86
CA GLY A 770 8.26 -24.18 -13.88
C GLY A 770 8.75 -23.55 -15.16
N THR A 771 7.88 -23.47 -16.17
CA THR A 771 8.19 -22.82 -17.45
C THR A 771 7.68 -21.39 -17.42
N TRP A 772 8.49 -20.46 -17.90
CA TRP A 772 8.15 -19.03 -17.99
C TRP A 772 8.35 -18.58 -19.44
N TYR A 773 7.26 -18.19 -20.10
CA TYR A 773 7.25 -17.76 -21.52
C TYR A 773 7.57 -16.29 -21.62
N ASP A 774 8.46 -15.94 -22.55
CA ASP A 774 8.80 -14.52 -22.85
C ASP A 774 7.57 -13.85 -23.46
N LEU A 775 7.03 -12.81 -22.80
CA LEU A 775 5.82 -12.09 -23.27
C LEU A 775 6.11 -11.46 -24.64
N GLN A 776 7.38 -11.27 -25.01
CA GLN A 776 7.79 -10.69 -26.33
C GLN A 776 7.27 -11.59 -27.47
N THR A 777 6.95 -12.86 -27.18
CA THR A 777 6.43 -13.83 -28.16
C THR A 777 4.91 -13.67 -28.33
N VAL A 778 4.26 -12.81 -27.55
CA VAL A 778 2.81 -12.49 -27.75
C VAL A 778 2.71 -11.25 -28.64
N PRO A 779 2.10 -11.33 -29.84
CA PRO A 779 1.85 -10.15 -30.65
C PRO A 779 1.01 -9.09 -29.93
N ILE A 780 1.53 -7.85 -29.87
CA ILE A 780 0.84 -6.66 -29.27
C ILE A 780 0.97 -5.51 -30.29
N GLU A 781 -0.14 -4.82 -30.59
CA GLU A 781 -0.20 -3.71 -31.59
C GLU A 781 0.49 -2.47 -31.04
N ARG A 794 17.43 -14.28 -27.33
CA ARG A 794 16.23 -14.25 -26.44
C ARG A 794 15.51 -15.61 -26.53
N GLU A 795 15.53 -16.35 -25.42
CA GLU A 795 14.86 -17.66 -25.26
C GLU A 795 13.35 -17.44 -25.24
N PRO A 796 12.56 -18.14 -26.09
CA PRO A 796 11.10 -18.03 -26.04
C PRO A 796 10.50 -18.52 -24.72
N ALA A 797 11.15 -19.49 -24.07
CA ALA A 797 10.69 -20.09 -22.80
C ALA A 797 11.87 -20.40 -21.90
N ILE A 798 11.79 -19.98 -20.64
CA ILE A 798 12.78 -20.35 -19.59
C ILE A 798 12.22 -21.56 -18.86
N HIS A 799 12.93 -22.68 -18.86
CA HIS A 799 12.53 -23.91 -18.13
C HIS A 799 13.34 -23.96 -16.84
N SER A 800 12.78 -23.53 -15.72
CA SER A 800 13.53 -23.33 -14.46
C SER A 800 13.27 -24.53 -13.54
N GLU A 801 14.31 -24.96 -12.81
CA GLU A 801 14.19 -25.90 -11.65
C GLU A 801 14.04 -25.09 -10.36
N GLY A 802 13.93 -23.77 -10.47
CA GLY A 802 14.10 -22.83 -9.34
C GLY A 802 15.54 -22.37 -9.25
N GLN A 803 15.87 -21.31 -9.99
CA GLN A 803 17.28 -20.92 -10.20
C GLN A 803 17.31 -19.47 -10.68
N TRP A 804 18.50 -18.87 -10.58
CA TRP A 804 18.84 -17.52 -11.10
C TRP A 804 19.19 -17.66 -12.58
N VAL A 805 18.69 -16.73 -13.40
CA VAL A 805 18.84 -16.75 -14.87
C VAL A 805 19.21 -15.33 -15.30
N THR A 806 20.27 -15.22 -16.10
CA THR A 806 20.73 -13.94 -16.70
C THR A 806 19.98 -13.76 -18.01
N LEU A 807 19.33 -12.60 -18.15
CA LEU A 807 18.44 -12.26 -19.28
C LEU A 807 19.06 -11.09 -20.04
N PRO A 808 19.05 -11.11 -21.39
CA PRO A 808 19.38 -9.92 -22.15
C PRO A 808 18.36 -8.83 -21.78
N ALA A 809 18.82 -7.60 -21.58
CA ALA A 809 17.98 -6.45 -21.20
C ALA A 809 18.59 -5.17 -21.77
N PRO A 810 18.70 -5.03 -23.11
CA PRO A 810 19.12 -3.77 -23.71
C PRO A 810 18.15 -2.66 -23.27
N LEU A 811 18.52 -1.41 -23.55
CA LEU A 811 17.78 -0.19 -23.10
C LEU A 811 16.29 -0.27 -23.48
N ASP A 812 15.97 -0.88 -24.63
CA ASP A 812 14.60 -0.90 -25.20
C ASP A 812 13.77 -2.04 -24.59
N THR A 813 14.31 -2.80 -23.64
CA THR A 813 13.67 -4.04 -23.14
C THR A 813 13.44 -3.96 -21.61
N ILE A 814 12.27 -4.42 -21.17
CA ILE A 814 12.08 -4.92 -19.79
C ILE A 814 11.61 -6.36 -19.90
N ASN A 815 12.25 -7.24 -19.13
CA ASN A 815 11.91 -8.68 -19.10
C ASN A 815 10.56 -8.88 -18.41
N VAL A 816 9.65 -9.55 -19.10
CA VAL A 816 8.31 -9.92 -18.59
C VAL A 816 8.06 -11.35 -19.07
N HIS A 817 7.75 -12.26 -18.16
CA HIS A 817 7.54 -13.69 -18.47
C HIS A 817 6.16 -14.09 -17.96
N LEU A 818 5.46 -14.94 -18.73
CA LEU A 818 4.12 -15.48 -18.38
C LEU A 818 4.28 -16.91 -17.90
N ARG A 819 3.87 -17.17 -16.65
CA ARG A 819 3.90 -18.51 -16.01
C ARG A 819 3.02 -19.51 -16.79
N ALA A 820 3.56 -20.68 -17.14
CA ALA A 820 2.81 -21.78 -17.78
C ALA A 820 1.64 -22.15 -16.88
N GLY A 821 0.45 -22.31 -17.48
CA GLY A 821 -0.77 -22.73 -16.77
C GLY A 821 -1.71 -21.58 -16.58
N TYR A 822 -1.42 -20.42 -17.19
CA TYR A 822 -2.21 -19.18 -17.02
C TYR A 822 -2.60 -18.58 -18.38
N ILE A 823 -3.80 -18.00 -18.40
CA ILE A 823 -4.39 -17.23 -19.53
C ILE A 823 -4.66 -15.79 -19.05
N ILE A 824 -4.21 -14.82 -19.86
CA ILE A 824 -4.24 -13.35 -19.64
C ILE A 824 -5.17 -12.77 -20.70
N PRO A 825 -6.21 -12.00 -20.31
CA PRO A 825 -7.00 -11.25 -21.27
C PRO A 825 -6.24 -9.96 -21.60
N LEU A 826 -6.28 -9.57 -22.86
CA LEU A 826 -5.67 -8.33 -23.39
C LEU A 826 -6.74 -7.55 -24.16
N GLN A 827 -6.50 -6.26 -24.37
CA GLN A 827 -7.37 -5.42 -25.22
C GLN A 827 -6.50 -4.58 -26.14
N GLY A 828 -7.07 -4.21 -27.31
CA GLY A 828 -6.39 -3.42 -28.34
C GLY A 828 -6.13 -2.01 -27.86
N PRO A 829 -5.37 -1.21 -28.66
CA PRO A 829 -4.78 0.02 -28.18
C PRO A 829 -5.73 1.21 -28.17
N GLY A 830 -5.27 2.30 -27.54
CA GLY A 830 -5.94 3.60 -27.44
C GLY A 830 -5.06 4.56 -26.68
N LEU A 831 -5.23 5.85 -26.90
CA LEU A 831 -4.47 6.86 -26.14
C LEU A 831 -5.23 7.15 -24.83
N THR A 832 -6.45 6.63 -24.68
CA THR A 832 -7.23 6.66 -23.41
C THR A 832 -7.91 5.31 -23.19
N THR A 833 -8.37 5.02 -21.97
CA THR A 833 -9.22 3.82 -21.70
C THR A 833 -10.59 4.02 -22.33
N THR A 834 -11.02 5.26 -22.57
CA THR A 834 -12.31 5.53 -23.25
C THR A 834 -12.25 4.90 -24.66
N GLU A 835 -11.12 5.06 -25.33
CA GLU A 835 -10.80 4.45 -26.64
C GLU A 835 -10.52 2.95 -26.50
N SER A 836 -9.61 2.54 -25.60
CA SER A 836 -9.10 1.14 -25.50
C SER A 836 -10.24 0.16 -25.15
N ARG A 837 -11.18 0.59 -24.31
CA ARG A 837 -12.29 -0.28 -23.81
C ARG A 837 -13.26 -0.66 -24.94
N GLN A 838 -13.20 0.03 -26.08
CA GLN A 838 -14.05 -0.21 -27.28
C GLN A 838 -13.36 -1.18 -28.25
N GLN A 839 -12.10 -1.56 -28.02
CA GLN A 839 -11.31 -2.35 -28.98
C GLN A 839 -11.62 -3.83 -28.81
N PRO A 840 -11.33 -4.66 -29.84
CA PRO A 840 -11.36 -6.11 -29.69
C PRO A 840 -10.37 -6.54 -28.61
N MET A 841 -10.69 -7.67 -27.98
CA MET A 841 -9.83 -8.34 -26.99
C MET A 841 -9.12 -9.54 -27.62
N ALA A 842 -8.15 -10.08 -26.89
CA ALA A 842 -7.26 -11.21 -27.23
C ALA A 842 -7.00 -12.02 -25.96
N LEU A 843 -6.57 -13.26 -26.12
CA LEU A 843 -6.09 -14.12 -25.03
C LEU A 843 -4.63 -14.50 -25.31
N ALA A 844 -3.80 -14.49 -24.26
CA ALA A 844 -2.47 -15.13 -24.25
C ALA A 844 -2.56 -16.35 -23.35
N VAL A 845 -2.43 -17.53 -23.94
CA VAL A 845 -2.63 -18.86 -23.29
C VAL A 845 -1.26 -19.52 -23.13
N ALA A 846 -0.75 -19.60 -21.89
CA ALA A 846 0.55 -20.23 -21.59
C ALA A 846 0.31 -21.68 -21.15
N LEU A 847 0.55 -22.64 -22.03
CA LEU A 847 0.25 -24.06 -21.72
C LEU A 847 1.31 -24.61 -20.77
N THR A 848 0.88 -25.43 -19.82
CA THR A 848 1.77 -26.41 -19.15
C THR A 848 2.26 -27.39 -20.21
N LYS A 849 3.30 -28.16 -19.89
CA LYS A 849 3.78 -29.31 -20.67
C LYS A 849 2.59 -30.23 -21.00
N GLY A 850 1.67 -30.45 -20.05
CA GLY A 850 0.47 -31.29 -20.20
C GLY A 850 -0.70 -30.58 -20.88
N GLY A 851 -0.48 -29.40 -21.49
CA GLY A 851 -1.49 -28.70 -22.32
C GLY A 851 -2.60 -28.02 -21.53
N GLU A 852 -2.36 -27.60 -20.28
CA GLU A 852 -3.42 -26.99 -19.45
C GLU A 852 -3.10 -25.52 -19.17
N ALA A 853 -4.14 -24.72 -19.03
CA ALA A 853 -4.04 -23.31 -18.58
C ALA A 853 -5.42 -22.82 -18.13
N ARG A 854 -5.44 -21.85 -17.23
CA ARG A 854 -6.69 -21.25 -16.69
CA ARG A 854 -6.69 -21.25 -16.71
C ARG A 854 -6.46 -19.76 -16.51
N GLY A 855 -7.50 -18.97 -16.74
CA GLY A 855 -7.46 -17.53 -16.49
C GLY A 855 -8.86 -17.00 -16.39
N GLU A 856 -8.98 -15.70 -16.19
CA GLU A 856 -10.33 -15.12 -16.03
C GLU A 856 -10.33 -13.66 -16.46
N LEU A 857 -11.54 -13.17 -16.65
CA LEU A 857 -11.85 -11.77 -16.96
C LEU A 857 -13.03 -11.31 -16.11
N PHE A 858 -12.84 -10.20 -15.42
CA PHE A 858 -13.93 -9.43 -14.77
C PHE A 858 -14.17 -8.15 -15.59
N TRP A 859 -15.42 -7.85 -15.93
CA TRP A 859 -15.74 -6.64 -16.71
C TRP A 859 -16.99 -5.97 -16.15
N ASP A 860 -16.94 -4.66 -15.97
CA ASP A 860 -18.15 -3.85 -15.63
C ASP A 860 -18.06 -2.54 -16.40
N ASP A 861 -18.86 -1.54 -16.04
CA ASP A 861 -18.95 -0.26 -16.79
C ASP A 861 -17.73 0.63 -16.46
N GLY A 862 -16.88 0.22 -15.52
CA GLY A 862 -15.59 0.88 -15.24
C GLY A 862 -15.67 1.99 -14.20
N GLU A 863 -16.85 2.37 -13.70
CA GLU A 863 -16.90 3.49 -12.73
C GLU A 863 -18.14 3.49 -11.83
N SER A 864 -19.18 2.68 -12.06
CA SER A 864 -20.41 2.73 -11.22
C SER A 864 -20.11 2.24 -9.82
N LEU A 865 -20.90 2.72 -8.87
CA LEU A 865 -20.93 2.28 -7.46
C LEU A 865 -21.82 1.03 -7.37
N GLU A 866 -21.52 0.15 -6.43
CA GLU A 866 -22.39 -0.98 -6.00
C GLU A 866 -22.55 -1.99 -7.14
N VAL A 867 -21.54 -2.13 -7.99
CA VAL A 867 -21.59 -3.03 -9.17
C VAL A 867 -21.82 -4.48 -8.73
N LEU A 868 -21.03 -4.98 -7.77
CA LEU A 868 -21.08 -6.41 -7.33
C LEU A 868 -22.42 -6.67 -6.64
N GLU A 869 -22.87 -5.71 -5.83
CA GLU A 869 -24.16 -5.82 -5.09
C GLU A 869 -25.32 -5.89 -6.08
N ARG A 870 -25.26 -5.11 -7.16
CA ARG A 870 -26.33 -5.02 -8.19
C ARG A 870 -26.16 -6.11 -9.25
N GLY A 871 -25.01 -6.79 -9.31
CA GLY A 871 -24.71 -7.83 -10.32
C GLY A 871 -24.40 -7.25 -11.69
N ALA A 872 -24.02 -5.97 -11.77
CA ALA A 872 -23.83 -5.24 -13.04
C ALA A 872 -22.44 -5.54 -13.60
N TYR A 873 -22.13 -6.81 -13.84
CA TYR A 873 -20.80 -7.22 -14.32
C TYR A 873 -20.89 -8.55 -15.07
N THR A 874 -19.84 -8.80 -15.86
CA THR A 874 -19.58 -10.05 -16.59
C THR A 874 -18.31 -10.66 -16.02
N GLN A 875 -18.36 -11.96 -15.73
CA GLN A 875 -17.24 -12.73 -15.16
C GLN A 875 -17.08 -13.98 -16.00
N VAL A 876 -15.93 -14.15 -16.61
CA VAL A 876 -15.66 -15.28 -17.54
C VAL A 876 -14.37 -15.97 -17.09
N ILE A 877 -14.36 -17.30 -17.11
CA ILE A 877 -13.17 -18.18 -16.93
C ILE A 877 -12.74 -18.73 -18.29
N PHE A 878 -11.44 -18.81 -18.55
CA PHE A 878 -10.87 -19.40 -19.78
C PHE A 878 -10.12 -20.67 -19.37
N LEU A 879 -10.30 -21.77 -20.11
CA LEU A 879 -9.70 -23.09 -19.79
C LEU A 879 -9.05 -23.67 -21.05
N ALA A 880 -7.77 -23.99 -20.99
CA ALA A 880 -7.05 -24.76 -22.02
C ALA A 880 -6.86 -26.19 -21.51
N ARG A 881 -7.24 -27.16 -22.34
CA ARG A 881 -7.12 -28.62 -22.05
C ARG A 881 -7.14 -29.39 -23.37
N ASN A 882 -6.25 -30.36 -23.52
CA ASN A 882 -6.29 -31.38 -24.62
C ASN A 882 -6.51 -30.66 -25.97
N ASN A 883 -5.69 -29.65 -26.26
CA ASN A 883 -5.67 -28.94 -27.56
C ASN A 883 -7.00 -28.24 -27.80
N THR A 884 -7.68 -27.77 -26.74
CA THR A 884 -8.91 -26.94 -26.83
C THR A 884 -8.80 -25.75 -25.87
N ILE A 885 -9.41 -24.63 -26.25
CA ILE A 885 -9.63 -23.43 -25.39
C ILE A 885 -11.13 -23.16 -25.36
N VAL A 886 -11.68 -23.03 -24.16
CA VAL A 886 -13.14 -22.73 -23.97
C VAL A 886 -13.26 -21.60 -22.96
N ASN A 887 -14.41 -20.94 -22.95
CA ASN A 887 -14.80 -20.02 -21.85
C ASN A 887 -15.89 -20.72 -21.03
N GLU A 888 -15.93 -20.39 -19.75
CA GLU A 888 -17.01 -20.76 -18.80
C GLU A 888 -17.63 -19.46 -18.28
N LEU A 889 -18.94 -19.31 -18.47
CA LEU A 889 -19.66 -18.05 -18.19
C LEU A 889 -20.13 -18.08 -16.74
N VAL A 890 -19.38 -17.46 -15.83
CA VAL A 890 -19.77 -17.34 -14.39
C VAL A 890 -20.97 -16.37 -14.33
N ARG A 891 -20.89 -15.25 -15.02
CA ARG A 891 -22.01 -14.28 -15.05
C ARG A 891 -21.89 -13.48 -16.34
N VAL A 892 -23.02 -13.26 -17.02
CA VAL A 892 -23.05 -12.45 -18.28
C VAL A 892 -24.20 -11.45 -18.18
N THR A 893 -23.91 -10.16 -18.34
CA THR A 893 -24.89 -9.06 -18.28
C THR A 893 -24.62 -8.12 -19.46
N SER A 894 -25.49 -7.13 -19.67
CA SER A 894 -25.36 -6.09 -20.72
C SER A 894 -23.91 -5.61 -20.76
N GLU A 895 -23.34 -5.27 -19.59
CA GLU A 895 -21.93 -4.81 -19.49
CA GLU A 895 -21.93 -4.80 -19.52
C GLU A 895 -21.00 -6.01 -19.59
N GLY A 896 -20.35 -6.19 -20.75
CA GLY A 896 -19.44 -7.32 -21.00
C GLY A 896 -19.93 -8.19 -22.12
N ALA A 897 -21.25 -8.31 -22.28
CA ALA A 897 -21.87 -8.96 -23.44
C ALA A 897 -21.59 -8.05 -24.64
N GLY A 898 -20.99 -8.58 -25.69
CA GLY A 898 -20.57 -7.77 -26.85
C GLY A 898 -19.10 -7.36 -26.78
N LEU A 899 -18.33 -7.82 -25.79
CA LEU A 899 -16.85 -7.80 -25.89
C LEU A 899 -16.47 -8.78 -27.00
N GLN A 900 -15.65 -8.31 -27.95
CA GLN A 900 -15.22 -9.08 -29.16
C GLN A 900 -13.86 -9.73 -28.85
N LEU A 901 -13.77 -11.05 -29.01
CA LEU A 901 -12.49 -11.78 -28.99
C LEU A 901 -12.04 -11.99 -30.44
N GLN A 902 -10.90 -11.40 -30.83
CA GLN A 902 -10.46 -11.40 -32.24
C GLN A 902 -9.16 -12.22 -32.39
N LYS A 903 -8.45 -12.51 -31.29
CA LYS A 903 -7.11 -13.14 -31.37
C LYS A 903 -6.82 -14.05 -30.17
N VAL A 904 -6.34 -15.25 -30.44
CA VAL A 904 -5.91 -16.22 -29.40
C VAL A 904 -4.48 -16.64 -29.71
N THR A 905 -3.54 -16.28 -28.82
CA THR A 905 -2.12 -16.70 -28.91
C THR A 905 -1.84 -17.79 -27.88
N VAL A 906 -1.39 -18.95 -28.34
CA VAL A 906 -1.11 -20.15 -27.52
C VAL A 906 0.41 -20.38 -27.47
N LEU A 907 0.99 -20.34 -26.26
CA LEU A 907 2.44 -20.51 -26.03
C LEU A 907 2.72 -21.96 -25.63
N GLY A 908 3.85 -22.53 -26.07
CA GLY A 908 4.25 -23.92 -25.75
C GLY A 908 3.51 -24.96 -26.58
N VAL A 909 3.19 -24.66 -27.84
CA VAL A 909 2.62 -25.66 -28.79
C VAL A 909 3.80 -26.31 -29.51
N ALA A 910 4.08 -27.57 -29.16
CA ALA A 910 5.30 -28.32 -29.57
C ALA A 910 5.32 -28.53 -31.10
N THR A 911 4.19 -28.88 -31.71
CA THR A 911 4.11 -29.23 -33.15
C THR A 911 3.07 -28.36 -33.87
N ALA A 912 3.43 -27.87 -35.07
CA ALA A 912 2.54 -27.14 -36.00
C ALA A 912 1.25 -27.94 -36.15
N PRO A 913 0.05 -27.34 -35.95
CA PRO A 913 -1.19 -28.06 -36.19
C PRO A 913 -1.46 -28.15 -37.70
N GLN A 914 -2.18 -29.20 -38.11
CA GLN A 914 -2.69 -29.38 -39.49
C GLN A 914 -3.97 -28.55 -39.66
N GLN A 915 -4.77 -28.43 -38.60
CA GLN A 915 -6.03 -27.62 -38.67
C GLN A 915 -6.29 -26.92 -37.32
N VAL A 916 -6.87 -25.73 -37.40
CA VAL A 916 -7.33 -24.92 -36.23
C VAL A 916 -8.81 -24.59 -36.44
N LEU A 917 -9.66 -25.04 -35.53
CA LEU A 917 -11.13 -24.84 -35.61
C LEU A 917 -11.55 -23.81 -34.56
N SER A 918 -12.46 -22.91 -34.96
CA SER A 918 -13.26 -22.06 -34.04
C SER A 918 -14.73 -22.45 -34.18
N ASN A 919 -15.32 -22.94 -33.10
CA ASN A 919 -16.73 -23.44 -33.07
C ASN A 919 -16.96 -24.41 -34.24
N GLY A 920 -15.97 -25.25 -34.57
CA GLY A 920 -16.15 -26.39 -35.48
C GLY A 920 -15.85 -26.03 -36.92
N VAL A 921 -15.47 -24.79 -37.21
CA VAL A 921 -15.12 -24.30 -38.57
C VAL A 921 -13.67 -23.89 -38.63
N PRO A 922 -12.93 -24.30 -39.68
CA PRO A 922 -11.56 -23.83 -39.91
C PRO A 922 -11.50 -22.30 -39.79
N VAL A 923 -10.53 -21.76 -39.06
CA VAL A 923 -10.44 -20.28 -38.84
C VAL A 923 -9.97 -19.59 -40.12
N SER A 924 -10.29 -18.31 -40.29
CA SER A 924 -9.92 -17.48 -41.47
C SER A 924 -8.39 -17.53 -41.64
N ASN A 925 -7.64 -17.48 -40.53
CA ASN A 925 -6.16 -17.36 -40.55
C ASN A 925 -5.53 -17.74 -39.19
N PHE A 926 -4.39 -18.41 -39.24
CA PHE A 926 -3.52 -18.70 -38.06
C PHE A 926 -2.09 -18.78 -38.57
N THR A 927 -1.11 -18.45 -37.73
CA THR A 927 0.31 -18.72 -37.99
C THR A 927 0.88 -19.54 -36.83
N TYR A 928 1.80 -20.44 -37.15
CA TYR A 928 2.62 -21.22 -36.19
C TYR A 928 4.09 -20.91 -36.47
N SER A 929 4.84 -20.57 -35.42
CA SER A 929 6.31 -20.33 -35.49
C SER A 929 7.05 -21.51 -34.87
N PRO A 930 7.67 -22.40 -35.68
CA PRO A 930 8.40 -23.56 -35.16
C PRO A 930 9.50 -23.23 -34.12
N ASP A 931 10.17 -22.10 -34.29
CA ASP A 931 11.30 -21.65 -33.43
C ASP A 931 10.81 -21.17 -32.06
N THR A 932 9.63 -20.56 -31.95
CA THR A 932 9.10 -19.94 -30.70
C THR A 932 8.00 -20.82 -30.08
N LYS A 933 7.46 -21.79 -30.82
CA LYS A 933 6.40 -22.71 -30.36
C LYS A 933 5.11 -21.91 -30.09
N VAL A 934 4.89 -20.85 -30.86
CA VAL A 934 3.70 -19.94 -30.70
C VAL A 934 2.71 -20.22 -31.83
N LEU A 935 1.45 -20.48 -31.46
CA LEU A 935 0.31 -20.63 -32.39
C LEU A 935 -0.59 -19.40 -32.25
N ASP A 936 -0.63 -18.55 -33.29
CA ASP A 936 -1.40 -17.27 -33.29
C ASP A 936 -2.66 -17.48 -34.13
N ILE A 937 -3.85 -17.32 -33.55
CA ILE A 937 -5.16 -17.67 -34.19
C ILE A 937 -6.03 -16.42 -34.31
N CSO A 938 -6.48 -16.11 -35.53
CA CSO A 938 -7.54 -15.11 -35.78
CB CSO A 938 -7.41 -14.50 -37.15
SG CSO A 938 -5.89 -13.54 -37.36
C CSO A 938 -8.91 -15.76 -35.56
O CSO A 938 -9.09 -16.89 -36.02
OD CSO A 938 -5.67 -12.51 -36.09
N VAL A 939 -9.80 -15.09 -34.81
CA VAL A 939 -11.17 -15.59 -34.49
C VAL A 939 -12.14 -14.40 -34.51
N SER A 940 -13.44 -14.71 -34.49
CA SER A 940 -14.57 -13.76 -34.39
C SER A 940 -15.54 -14.31 -33.35
N LEU A 941 -15.22 -14.14 -32.07
CA LEU A 941 -15.99 -14.71 -30.95
C LEU A 941 -16.36 -13.59 -29.99
N LEU A 942 -17.24 -13.90 -29.04
CA LEU A 942 -17.73 -12.97 -27.99
C LEU A 942 -17.36 -13.54 -26.62
N MET A 943 -16.82 -12.71 -25.74
CA MET A 943 -16.37 -13.14 -24.38
C MET A 943 -17.57 -13.73 -23.65
N GLY A 944 -18.76 -13.20 -23.90
CA GLY A 944 -20.02 -13.52 -23.20
C GLY A 944 -20.78 -14.68 -23.80
N GLU A 945 -20.24 -15.33 -24.84
CA GLU A 945 -20.91 -16.47 -25.55
C GLU A 945 -19.96 -17.67 -25.58
N GLN A 946 -20.46 -18.85 -25.18
CA GLN A 946 -19.65 -20.10 -25.08
C GLN A 946 -19.03 -20.43 -26.43
N PHE A 947 -17.70 -20.64 -26.45
CA PHE A 947 -16.94 -20.97 -27.66
C PHE A 947 -16.07 -22.20 -27.38
N LEU A 948 -15.55 -22.77 -28.46
CA LEU A 948 -14.56 -23.88 -28.41
C LEU A 948 -13.58 -23.68 -29.55
N VAL A 949 -12.32 -23.37 -29.21
CA VAL A 949 -11.21 -23.28 -30.19
C VAL A 949 -10.36 -24.54 -30.00
N SER A 950 -10.05 -25.25 -31.09
CA SER A 950 -9.31 -26.53 -31.05
C SER A 950 -8.27 -26.55 -32.16
N TRP A 951 -7.19 -27.29 -31.96
CA TRP A 951 -6.12 -27.48 -32.97
C TRP A 951 -5.59 -28.92 -32.87
N CYS A 952 -5.03 -29.43 -33.96
CA CYS A 952 -4.42 -30.79 -34.04
C CYS A 952 -3.57 -30.88 -35.32
C1 NAG B . -9.45 -12.94 42.22
C2 NAG B . -9.24 -11.52 42.74
C3 NAG B . -9.44 -11.48 44.25
C4 NAG B . -10.81 -12.06 44.64
C5 NAG B . -11.07 -13.37 43.91
C6 NAG B . -12.50 -13.84 44.13
C7 NAG B . -7.57 -10.02 41.80
C8 NAG B . -6.09 -9.80 41.70
N2 NAG B . -7.91 -11.10 42.49
O3 NAG B . -9.32 -10.13 44.69
O4 NAG B . -10.85 -12.36 46.04
O5 NAG B . -10.83 -13.23 42.51
O6 NAG B . -13.39 -12.87 43.58
O7 NAG B . -8.41 -9.27 41.31
C1 NAG B . -11.98 -11.70 46.64
C2 NAG B . -12.30 -12.33 47.99
C3 NAG B . -13.43 -11.59 48.73
C4 NAG B . -13.40 -10.07 48.57
C5 NAG B . -12.97 -9.64 47.16
C6 NAG B . -12.79 -8.13 47.01
C7 NAG B . -11.81 -14.69 47.96
C8 NAG B . -12.37 -16.08 47.79
N2 NAG B . -12.68 -13.71 47.81
O3 NAG B . -13.35 -11.94 50.11
O4 NAG B . -14.72 -9.55 48.82
O5 NAG B . -11.74 -10.31 46.84
O6 NAG B . -11.60 -7.76 47.69
O7 NAG B . -10.64 -14.47 48.20
C1 FUC B . -14.74 -13.29 43.80
C2 FUC B . -15.67 -12.09 43.78
C3 FUC B . -15.70 -11.47 42.40
C4 FUC B . -15.88 -12.49 41.29
C5 FUC B . -15.05 -13.76 41.49
C6 FUC B . -15.46 -14.86 40.51
O2 FUC B . -15.22 -11.10 44.70
O3 FUC B . -16.78 -10.56 42.38
O4 FUC B . -17.27 -12.85 41.17
O5 FUC B . -15.18 -14.23 42.82
C1 NAG C . 8.42 -18.56 26.10
C2 NAG C . 8.91 -20.01 26.05
C3 NAG C . 9.47 -20.49 27.36
C4 NAG C . 10.37 -19.47 28.01
C5 NAG C . 9.78 -18.05 27.93
C6 NAG C . 10.76 -17.02 28.48
C7 NAG C . 7.82 -21.65 24.65
C8 NAG C . 6.68 -22.60 24.55
N2 NAG C . 7.82 -20.91 25.74
O3 NAG C . 10.17 -21.73 27.15
O4 NAG C . 10.48 -19.83 29.41
O5 NAG C . 9.49 -17.75 26.56
O6 NAG C . 11.81 -16.88 27.54
O7 NAG C . 8.67 -21.55 23.79
C1 NAG C . 11.85 -20.01 29.75
C2 NAG C . 11.90 -19.97 31.29
C3 NAG C . 13.24 -20.39 31.89
C4 NAG C . 13.86 -21.57 31.14
C5 NAG C . 13.80 -21.32 29.63
C6 NAG C . 14.42 -22.41 28.78
C7 NAG C . 10.44 -18.32 32.21
C8 NAG C . 10.21 -16.85 32.45
N2 NAG C . 11.60 -18.61 31.67
O3 NAG C . 13.01 -20.73 33.27
O4 NAG C . 15.20 -21.80 31.62
O5 NAG C . 12.41 -21.23 29.28
O6 NAG C . 13.43 -23.43 28.65
O7 NAG C . 9.65 -19.21 32.49
C1 BMA C . 15.34 -23.15 32.07
C2 BMA C . 16.81 -23.54 32.14
C3 BMA C . 16.90 -25.05 32.38
C4 BMA C . 16.10 -25.42 33.62
C5 BMA C . 14.69 -24.86 33.54
C6 BMA C . 13.86 -25.22 34.77
O2 BMA C . 17.40 -22.82 33.23
O3 BMA C . 18.25 -25.49 32.48
O4 BMA C . 16.03 -26.85 33.75
O5 BMA C . 14.76 -23.43 33.35
O6 BMA C . 14.66 -25.08 35.95
C1 NAG D . 4.95 20.95 -26.30
C2 NAG D . 5.76 21.72 -25.27
C3 NAG D . 6.28 23.04 -25.82
C4 NAG D . 6.94 22.87 -27.16
C5 NAG D . 6.00 22.08 -28.07
C6 NAG D . 6.60 21.85 -29.45
C7 NAG D . 4.91 21.31 -23.06
C8 NAG D . 3.95 21.81 -22.03
N2 NAG D . 4.97 22.07 -24.14
O3 NAG D . 7.17 23.64 -24.89
O4 NAG D . 7.14 24.19 -27.69
O5 NAG D . 5.75 20.80 -27.48
O6 NAG D . 7.77 21.07 -29.19
O7 NAG D . 5.54 20.30 -22.93
C1 NAG D . 8.50 24.45 -28.10
C2 NAG D . 8.49 25.69 -29.02
C3 NAG D . 9.83 26.43 -29.11
C4 NAG D . 10.67 26.35 -27.87
C5 NAG D . 10.70 24.92 -27.33
C6 NAG D . 11.60 24.81 -26.09
C7 NAG D . 6.91 25.48 -30.89
C8 NAG D . 6.55 24.64 -32.08
N2 NAG D . 8.09 25.20 -30.33
O3 NAG D . 9.61 27.82 -29.35
O4 NAG D . 12.00 26.78 -28.19
O5 NAG D . 9.36 24.60 -26.98
O6 NAG D . 12.22 23.52 -26.04
O7 NAG D . 6.14 26.33 -30.44
C1 NAG E . -4.68 29.58 20.22
C2 NAG E . -3.45 30.29 20.84
C3 NAG E . -3.59 31.81 20.70
C4 NAG E . -3.83 32.18 19.24
C5 NAG E . -5.00 31.36 18.69
C6 NAG E . -5.31 31.67 17.23
C7 NAG E . -2.19 29.27 22.71
C8 NAG E . -2.14 29.12 24.21
N2 NAG E . -3.26 29.93 22.23
O3 NAG E . -2.40 32.39 21.19
O4 NAG E . -4.13 33.59 19.07
O5 NAG E . -4.74 29.96 18.86
O6 NAG E . -6.50 30.98 16.85
O7 NAG E . -1.31 28.79 22.01
C1 NAG E . -2.92 34.35 18.86
C2 NAG E . -3.25 35.45 17.84
C3 NAG E . -2.09 36.43 17.67
C4 NAG E . -1.56 36.90 19.02
C5 NAG E . -1.30 35.73 19.96
C6 NAG E . -1.02 36.30 21.33
C7 NAG E . -4.70 35.20 15.92
C8 NAG E . -4.89 34.50 14.60
N2 NAG E . -3.56 34.92 16.53
O3 NAG E . -2.60 37.54 16.95
O4 NAG E . -0.36 37.65 18.84
O5 NAG E . -2.44 34.88 20.08
O6 NAG E . -0.52 35.24 22.12
O7 NAG E . -5.56 35.90 16.45
C1 BMA E . -0.68 39.05 18.94
C2 BMA E . 0.56 39.74 19.48
C3 BMA E . 0.38 41.26 19.47
C4 BMA E . -0.08 41.73 18.09
C5 BMA E . -1.40 41.04 17.83
C6 BMA E . -2.15 41.65 16.63
O2 BMA E . 1.67 39.31 18.69
O3 BMA E . 1.59 41.91 19.88
O4 BMA E . -0.28 43.14 18.04
O5 BMA E . -1.10 39.64 17.70
O6 BMA E . -2.05 40.87 15.43
C1 MAN E . 1.66 41.98 21.32
C2 MAN E . 2.28 43.33 21.73
C3 MAN E . 3.75 43.39 21.37
C4 MAN E . 4.47 42.17 21.95
C5 MAN E . 3.79 40.92 21.40
C6 MAN E . 4.51 39.63 21.80
O2 MAN E . 2.09 43.56 23.14
O3 MAN E . 4.32 44.60 21.89
O4 MAN E . 5.86 42.19 21.59
O5 MAN E . 2.43 40.91 21.87
O6 MAN E . 5.43 39.29 20.74
C1 NAG F . 18.54 20.56 -12.53
C2 NAG F . 19.43 20.97 -11.36
C3 NAG F . 19.44 22.49 -11.15
C4 NAG F . 19.75 23.20 -12.46
C5 NAG F . 18.94 22.62 -13.62
C6 NAG F . 19.35 23.18 -14.96
C7 NAG F . 19.94 19.51 -9.49
C8 NAG F . 19.47 18.94 -8.18
N2 NAG F . 19.07 20.30 -10.13
O3 NAG F . 20.43 22.79 -10.17
O4 NAG F . 19.50 24.62 -12.35
O5 NAG F . 19.09 21.21 -13.66
O6 NAG F . 20.64 22.69 -15.34
O7 NAG F . 21.05 19.26 -9.94
C1 NAG F . 20.72 25.33 -12.68
C2 NAG F . 20.41 26.75 -13.15
C3 NAG F . 21.67 27.63 -13.14
C4 NAG F . 22.36 27.51 -11.80
C5 NAG F . 22.79 26.05 -11.67
C6 NAG F . 23.73 25.77 -10.49
C7 NAG F . 18.59 26.76 -14.85
C8 NAG F . 18.31 26.86 -16.33
N2 NAG F . 19.89 26.78 -14.53
O3 NAG F . 21.34 28.99 -13.43
O4 NAG F . 23.47 28.41 -11.72
O5 NAG F . 21.58 25.31 -11.53
O6 NAG F . 22.99 25.69 -9.27
O7 NAG F . 17.69 26.66 -14.03
C1 FUC F . 21.13 23.39 -16.53
C2 FUC F . 22.50 22.85 -16.96
C3 FUC F . 22.35 21.37 -17.28
C4 FUC F . 21.42 21.24 -18.49
C5 FUC F . 20.10 22.01 -18.29
C6 FUC F . 19.38 22.18 -19.63
O2 FUC F . 23.49 23.10 -15.97
O3 FUC F . 23.63 20.72 -17.52
O4 FUC F . 22.08 21.73 -19.67
O5 FUC F . 20.26 23.31 -17.68
O6 A1IO5 G . 2.40 20.53 -3.85
C6 A1IO5 G . 3.83 20.63 -3.96
C5 A1IO5 G . 4.58 19.37 -3.55
C8 A1IO5 G . 6.73 20.62 -2.71
C4 A1IO5 G . 4.15 18.19 -4.44
C2 A1IO5 G . 4.20 16.61 -2.57
O3 A1IO5 G . 4.30 15.82 -4.86
C3 A1IO5 G . 4.70 16.87 -3.99
O4 A1IO5 G . 4.51 18.36 -5.79
O2 A1IO5 G . 4.82 15.44 -2.06
C1 A1IO5 G . 4.62 17.76 -1.67
N5 A1IO5 G . 4.13 19.05 -2.18
C7 A1IO5 G . 6.12 19.60 -3.66
SI14 A1IO5 G . 8.57 20.71 -2.78
C11 A1IO5 G . 9.13 22.23 -1.97
C12 A1IO5 G . 9.28 20.66 -4.46
C13 A1IO5 G . 9.24 19.29 -1.89
S SO4 H . -19.40 -3.40 -4.53
O1 SO4 H . -20.70 -4.03 -4.42
O2 SO4 H . -19.42 -2.10 -3.91
O3 SO4 H . -18.40 -4.22 -3.89
O4 SO4 H . -19.10 -3.27 -5.92
S SO4 I . 23.12 -7.92 -12.30
O1 SO4 I . 23.81 -9.18 -12.22
O2 SO4 I . 23.44 -7.14 -11.14
O3 SO4 I . 23.54 -7.22 -13.49
O4 SO4 I . 21.70 -8.16 -12.34
S SO4 J . 5.30 -26.73 -16.81
O1 SO4 J . 6.64 -27.22 -16.62
O2 SO4 J . 4.37 -27.81 -16.67
O3 SO4 J . 5.03 -25.70 -15.82
O4 SO4 J . 5.18 -26.17 -18.12
S SO4 K . 15.88 5.98 37.08
O1 SO4 K . 14.74 5.26 37.57
O2 SO4 K . 16.30 6.94 38.07
O3 SO4 K . 16.96 5.06 36.83
O4 SO4 K . 15.54 6.68 35.87
S SO4 L . 29.38 4.05 33.37
O1 SO4 L . 28.83 3.06 34.25
O2 SO4 L . 29.72 5.22 34.12
O3 SO4 L . 30.54 3.50 32.70
O4 SO4 L . 28.40 4.42 32.38
S SO4 M . 22.39 7.04 -8.15
O1 SO4 M . 21.64 6.15 -7.27
O2 SO4 M . 22.84 8.19 -7.38
O3 SO4 M . 23.50 6.31 -8.71
O4 SO4 M . 21.53 7.56 -9.22
CL CL N . -9.39 10.06 24.70
CL CL O . 19.68 -18.96 -3.80
CL CL P . -22.16 28.41 -2.76
C1 PEG Q . 20.07 -7.50 40.05
O1 PEG Q . 21.07 -6.87 39.28
C2 PEG Q . 19.05 -6.47 40.44
O2 PEG Q . 18.41 -6.85 41.66
C3 PEG Q . 17.43 -5.92 42.11
C4 PEG Q . 18.09 -4.67 42.63
O4 PEG Q . 17.18 -3.60 42.78
C1 GOL R . -23.44 24.59 12.39
O1 GOL R . -22.62 23.54 11.88
C2 GOL R . -24.89 24.16 12.51
O2 GOL R . -25.22 23.28 11.43
C3 GOL R . -25.85 25.33 12.54
O3 GOL R . -25.95 25.96 11.25
C1 PGE S . 8.76 25.84 3.26
O1 PGE S . 9.08 24.83 2.33
C2 PGE S . 9.61 25.82 4.51
O2 PGE S . 9.08 26.75 5.45
C3 PGE S . 10.07 27.39 6.26
C4 PGE S . 9.40 28.25 7.29
O4 PGE S . 5.99 30.21 5.85
C6 PGE S . 6.82 30.87 6.80
C5 PGE S . 7.70 29.91 7.56
O3 PGE S . 8.51 29.16 6.66
C1 GOL T . 22.66 0.95 26.45
O1 GOL T . 23.12 0.07 25.43
C2 GOL T . 21.16 0.89 26.58
O2 GOL T . 20.81 -0.22 27.43
C3 GOL T . 20.51 0.79 25.21
O3 GOL T . 19.62 1.87 24.95
C1 GOL U . -15.97 27.51 -1.47
O1 GOL U . -15.52 28.83 -1.73
C2 GOL U . -16.64 26.90 -2.67
O2 GOL U . -17.99 27.37 -2.75
C3 GOL U . -15.92 27.20 -3.97
O3 GOL U . -16.56 26.56 -5.08
C1 EDO V . -17.01 12.69 21.67
O1 EDO V . -15.94 12.13 22.40
C2 EDO V . -18.30 12.67 22.44
O2 EDO V . -19.34 13.46 21.88
C1 EDO W . -25.39 3.11 -8.12
O1 EDO W . -25.23 3.06 -9.54
C2 EDO W . -26.06 4.36 -7.65
O2 EDO W . -25.84 4.62 -6.27
C1 EDO X . 27.14 3.80 24.50
O1 EDO X . 28.20 3.40 23.63
C2 EDO X . 27.08 3.05 25.78
O2 EDO X . 25.22 2.59 26.28
C1 EDO Y . -13.91 -20.53 15.14
O1 EDO Y . -13.01 -21.61 15.01
C2 EDO Y . -13.67 -19.66 16.34
O2 EDO Y . -12.47 -19.90 17.08
C1 EDO Z . 22.27 -14.07 -7.20
O1 EDO Z . 22.77 -14.35 -8.49
C2 EDO Z . 22.75 -15.05 -6.19
O2 EDO Z . 22.01 -15.01 -4.98
C1 EDO AA . 16.68 -10.29 6.21
O1 EDO AA . 17.80 -9.47 6.53
C2 EDO AA . 16.54 -11.44 7.13
O2 EDO AA . 17.64 -12.32 7.11
C1 EDO BA . -15.13 4.31 12.30
O1 EDO BA . -14.80 3.81 11.02
C2 EDO BA . -16.02 3.40 13.05
O2 EDO BA . -16.10 3.71 14.44
C1 EDO CA . -19.86 -24.32 -28.89
O1 EDO CA . -19.45 -24.72 -30.19
C2 EDO CA . -19.19 -25.08 -27.81
O2 EDO CA . -19.90 -25.05 -26.59
C1 EDO DA . 17.30 -18.12 14.08
O1 EDO DA . 18.33 -17.32 13.53
C2 EDO DA . 16.10 -18.22 13.21
O2 EDO DA . 15.10 -19.06 13.76
C1 EDO EA . -17.99 -2.58 -32.14
O1 EDO EA . -19.27 -2.07 -31.80
C2 EDO EA . -17.55 -2.25 -33.52
O2 EDO EA . -16.26 -2.76 -33.83
#